data_6UVA
#
_entry.id   6UVA
#
_cell.length_a   1.00
_cell.length_b   1.00
_cell.length_c   1.00
_cell.angle_alpha   90.00
_cell.angle_beta   90.00
_cell.angle_gamma   90.00
#
_symmetry.space_group_name_H-M   'P 1'
#
loop_
_entity.id
_entity.type
_entity.pdbx_description
1 polymer 'Guanine nucleotide-binding protein G(s) subunit alpha isoforms short'
2 polymer 'Guanine nucleotide-binding protein G(I)/G(S)/G(T) subunit beta-1'
3 polymer 'Guanine nucleotide-binding protein G(I)/G(S)/G(O) subunit gamma-2'
4 polymer 'Nanobody 35'
5 polymer 'Receptor activity-modifying protein 3'
6 polymer 'Protein ADM2'
7 polymer 'Calcitonin gene-related peptide type 1 receptor'
#
loop_
_entity_poly.entity_id
_entity_poly.type
_entity_poly.pdbx_seq_one_letter_code
_entity_poly.pdbx_strand_id
1 'polypeptide(L)'
;MGCLGNSKTEDQRNEEKAQREANKKIEKQLQKDKQVYRATHRLLLLGAGESGKNTIVKQMRILHVNGFNGEGGEEDPQAA
RSNSDGEKATKVQDIKNNLKEAIETIVAAMSNLVPPVELANPENQFRVDYILSVMNVPDFDFPPEFYEHAKALWEDEGVR
ACYERSNEYQLIDCAQYFLDKIDVIKQADYVPSDQDLLRCRVLTSGIFETKFQVDKVNFHMFDVGAQRDERRKWIQCFND
VTAIIFVVASSSYNMVIREDNQTNRLQAALKLFDSIWNNKWLRDTSVILFLNKQDLLAEKVLAGKSKIEDYFPEFARYTT
PEDATPEPGEDPRVTRAKYFIRDEFLRISTASGDGRHYCYPHFTCSVDTENIRRVFNDCRDIIQRMHLRQYELL
;
A
2 'polypeptide(L)'
;MHHHHHHGSSGSELDQLRQEAEQLKNQIRDARKACADATLSQITNNIDPVGRIQMRTRRTLRGHLAKIYAMHWGTDSRLL
VSASQDGKLIIWDSYTTNKVHAIPLRSSWVMTCAYAPSGNYVACGGLDNICSIYNLKTREGNVRVSRELAGHTGYLSCCR
FLDDNQIVTSSGDTTCALWDIETGQQTTTFTGHTGDVMSLSLAPDTRLFVSGACDASAKLWDVREGMCRQTFTGHESDIN
AICFFPNGNAFATGSDDATCRLFDLRADQELMTYSHDNIICGITSVSFSKSGRLLLAGYDDFNCNVWDALKADRAGVLAG
HDNRVSCLGVTDDGMAVATGSWDSFLKIWN
;
B
3 'polypeptide(L)' MASNNTASIAQARKLVEQLKMEANIDRIKVSKAAADLMAYCEAHAKEDPLLTPVPASENPFREKKFFCAIL G
4 'polypeptide(L)'
;QVQLQESGGGLVQPGGSLRLSCAASGFTFSNYKMNWVRQAPGKGLEWVSDISQSGASISYTGSVKGRFTISRDNAKNTLY
LQMNSLKPEDTAVYYCARCPAPFTRDCFDVTSTTYAYRGQGTQVTVSSHHHHHHEPEA
;
N
5 'polypeptide(L)'
;MKTIIALSYIFCLVFADYKDDDDKRAGGCNETGMLERLPLCGKAFADMMGKVDVWKWCNLSEFIVYYESFTNCTEMEANV
VGCYWPNPLAQGFITGIHRQFFSNCTVDRVHLEDPPDEVLIPLIVIPVVLTVAMAGLVVWRSKRTDTLL
;
E
6 'polypeptide(L)' TQAQLLRVGCVLGTCQVQNLSHRLWQLMGPAGRQDSAPVDPSSPHSY(NH2) P
7 'polypeptide(L)'
;MKTIIALSYIFCLVFADYKDDDDLEVLFQGPAELEESPEDSIQLGVTRNKIMTAQYECYQKIMQDPIQQAEGVYCNRTWD
GWLCWNDVAAGTESMQLCPDYFQDFDPSEKVTKICDQDGNWFRHPASNRTWTNYTQCNVNTHEKVKTALNLFYLTIIGHG
LSIASLLISLGIFFYFKSLSCQRITLHKNLFFSFVCNSVVTIIHLTAVANNQALVATNPVSCKVSQFIHLYLMGCNYFWM
LCEGIYLHTLIVVAVFAEKQHLMWYYFLGWGFPLIPACIHAIARSLYYNDNCWISSDTHLLYIIHGPICAALLVNLFFLL
NIVRVLITKLKVTHQAESNLYMKAVRATLILVPLLGIEFVLIPWRPEGKIAEEVYDYIMHILMHFQGLLVSTIFCFFNGE
VQAILRRNWNQYKIQFGNSFSNSEALRSASYTVSTISDGPGYSHDCPSEHLNGKSIHDIENVLLKPENLYNPAGLEVLFQ
GPHHHHHHHH
;
R
#
loop_
_chem_comp.id
_chem_comp.type
_chem_comp.name
_chem_comp.formula
NH2 non-polymer 'AMINO GROUP' 'H2 N'
#
# COMPACT_ATOMS: atom_id res chain seq x y z
N GLU A 16 -0.40 35.13 -8.27
CA GLU A 16 -0.15 33.89 -7.54
C GLU A 16 -1.15 33.72 -6.41
N LYS A 17 -1.80 34.82 -6.04
CA LYS A 17 -2.77 34.78 -4.94
C LYS A 17 -4.10 34.18 -5.38
N ALA A 18 -4.68 34.68 -6.47
CA ALA A 18 -5.91 34.11 -6.98
C ALA A 18 -5.71 32.66 -7.42
N GLN A 19 -4.52 32.34 -7.92
CA GLN A 19 -4.20 30.95 -8.26
C GLN A 19 -4.30 30.07 -7.02
N ARG A 20 -3.75 30.52 -5.90
CA ARG A 20 -3.78 29.72 -4.68
C ARG A 20 -5.19 29.59 -4.13
N GLU A 21 -5.98 30.67 -4.20
CA GLU A 21 -7.35 30.61 -3.72
C GLU A 21 -8.19 29.66 -4.56
N ALA A 22 -8.08 29.77 -5.90
CA ALA A 22 -8.81 28.86 -6.77
C ALA A 22 -8.36 27.42 -6.59
N ASN A 23 -7.06 27.22 -6.33
CA ASN A 23 -6.56 25.88 -6.08
C ASN A 23 -7.15 25.31 -4.80
N LYS A 24 -7.22 26.11 -3.74
CA LYS A 24 -7.82 25.64 -2.49
C LYS A 24 -9.29 25.29 -2.68
N LYS A 25 -10.03 26.16 -3.37
CA LYS A 25 -11.44 25.86 -3.67
C LYS A 25 -11.58 24.55 -4.45
N ILE A 26 -10.77 24.39 -5.49
CA ILE A 26 -10.86 23.20 -6.33
C ILE A 26 -10.49 21.96 -5.55
N GLU A 27 -9.51 22.06 -4.65
CA GLU A 27 -9.10 20.88 -3.87
C GLU A 27 -10.15 20.50 -2.83
N LYS A 28 -10.81 21.49 -2.21
CA LYS A 28 -11.89 21.14 -1.30
C LYS A 28 -13.06 20.50 -2.04
N GLN A 29 -13.36 21.01 -3.24
CA GLN A 29 -14.38 20.38 -4.06
C GLN A 29 -13.98 18.97 -4.46
N LEU A 30 -12.70 18.77 -4.78
CA LEU A 30 -12.23 17.44 -5.17
C LEU A 30 -12.26 16.47 -4.00
N GLN A 31 -12.03 16.94 -2.77
CA GLN A 31 -12.17 16.06 -1.62
C GLN A 31 -13.62 15.69 -1.38
N LYS A 32 -14.53 16.67 -1.48
CA LYS A 32 -15.95 16.38 -1.32
C LYS A 32 -16.44 15.43 -2.41
N ASP A 33 -15.83 15.47 -3.60
CA ASP A 33 -16.19 14.53 -4.65
C ASP A 33 -15.52 13.16 -4.43
N LYS A 34 -14.30 13.16 -3.89
CA LYS A 34 -13.58 11.92 -3.64
C LYS A 34 -14.29 11.07 -2.61
N GLN A 35 -14.84 11.69 -1.56
CA GLN A 35 -15.56 10.91 -0.56
C GLN A 35 -16.72 10.14 -1.18
N VAL A 36 -17.57 10.84 -1.95
CA VAL A 36 -18.73 10.19 -2.56
C VAL A 36 -18.32 9.28 -3.72
N TYR A 37 -17.13 9.48 -4.29
CA TYR A 37 -16.68 8.57 -5.35
C TYR A 37 -16.19 7.25 -4.75
N ARG A 38 -15.31 7.31 -3.75
CA ARG A 38 -14.84 6.10 -3.10
C ARG A 38 -15.90 5.46 -2.22
N ALA A 39 -17.01 6.15 -1.98
CA ALA A 39 -18.16 5.56 -1.30
C ALA A 39 -19.22 5.08 -2.29
N THR A 40 -18.80 4.63 -3.47
CA THR A 40 -19.72 4.19 -4.51
C THR A 40 -19.18 2.94 -5.17
N HIS A 41 -20.06 1.95 -5.37
CA HIS A 41 -19.69 0.70 -6.03
C HIS A 41 -19.93 0.82 -7.52
N ARG A 42 -18.92 0.48 -8.32
CA ARG A 42 -19.02 0.51 -9.77
C ARG A 42 -19.11 -0.92 -10.30
N LEU A 43 -20.04 -1.13 -11.24
CA LEU A 43 -20.30 -2.45 -11.78
C LEU A 43 -20.41 -2.38 -13.29
N LEU A 44 -19.95 -3.43 -13.97
CA LEU A 44 -20.07 -3.55 -15.42
C LEU A 44 -21.00 -4.71 -15.75
N LEU A 45 -22.01 -4.43 -16.56
CA LEU A 45 -22.96 -5.43 -17.00
C LEU A 45 -22.62 -5.88 -18.42
N LEU A 46 -22.44 -7.18 -18.61
CA LEU A 46 -22.10 -7.75 -19.90
C LEU A 46 -23.06 -8.88 -20.23
N GLY A 47 -23.25 -9.12 -21.53
CA GLY A 47 -24.14 -10.17 -21.99
C GLY A 47 -24.85 -9.81 -23.28
N SER A 205 -26.22 7.18 -25.38
CA SER A 205 -26.40 6.06 -26.30
C SER A 205 -25.22 5.10 -26.22
N GLY A 206 -24.02 5.65 -26.07
CA GLY A 206 -22.82 4.82 -25.98
C GLY A 206 -22.70 4.04 -24.70
N ILE A 207 -23.36 4.49 -23.63
CA ILE A 207 -23.33 3.79 -22.35
C ILE A 207 -24.55 4.22 -21.55
N PHE A 208 -25.13 3.28 -20.81
CA PHE A 208 -26.30 3.53 -19.99
C PHE A 208 -25.92 3.42 -18.52
N GLU A 209 -26.40 4.36 -17.71
CA GLU A 209 -26.11 4.41 -16.29
C GLU A 209 -27.32 3.94 -15.50
N THR A 210 -27.05 3.30 -14.37
CA THR A 210 -28.11 2.82 -13.47
C THR A 210 -27.59 2.87 -12.05
N LYS A 211 -28.16 3.77 -11.25
CA LYS A 211 -27.75 3.96 -9.86
C LYS A 211 -28.84 3.46 -8.92
N PHE A 212 -28.46 2.59 -7.99
CA PHE A 212 -29.38 2.12 -6.96
C PHE A 212 -28.61 2.02 -5.65
N GLN A 213 -29.36 1.84 -4.56
CA GLN A 213 -28.80 1.88 -3.23
C GLN A 213 -29.30 0.69 -2.42
N VAL A 214 -28.37 0.00 -1.76
CA VAL A 214 -28.67 -1.16 -0.92
C VAL A 214 -27.97 -0.96 0.41
N ASP A 215 -28.76 -0.89 1.49
CA ASP A 215 -28.25 -0.61 2.83
C ASP A 215 -27.43 0.68 2.85
N LYS A 216 -27.93 1.70 2.14
CA LYS A 216 -27.27 2.99 1.98
C LYS A 216 -25.86 2.87 1.44
N VAL A 217 -25.59 1.84 0.64
CA VAL A 217 -24.33 1.68 -0.08
C VAL A 217 -24.59 2.03 -1.54
N ASN A 218 -23.85 2.99 -2.06
CA ASN A 218 -24.09 3.49 -3.40
C ASN A 218 -23.55 2.51 -4.45
N PHE A 219 -24.40 2.15 -5.42
CA PHE A 219 -24.04 1.31 -6.53
C PHE A 219 -24.17 2.08 -7.83
N HIS A 220 -23.25 1.84 -8.76
CA HIS A 220 -23.22 2.52 -10.05
C HIS A 220 -22.99 1.46 -11.13
N MET A 221 -24.08 0.91 -11.66
CA MET A 221 -24.02 -0.13 -12.67
C MET A 221 -24.06 0.48 -14.06
N PHE A 222 -23.25 -0.05 -14.97
CA PHE A 222 -23.16 0.44 -16.34
C PHE A 222 -23.48 -0.69 -17.31
N ASP A 223 -24.34 -0.39 -18.28
CA ASP A 223 -24.72 -1.34 -19.32
C ASP A 223 -24.16 -0.88 -20.66
N VAL A 224 -23.55 -1.81 -21.39
CA VAL A 224 -22.93 -1.50 -22.67
C VAL A 224 -24.02 -1.36 -23.72
N GLY A 225 -24.07 -0.21 -24.39
CA GLY A 225 -25.05 0.01 -25.44
C GLY A 225 -24.44 0.72 -26.64
N ALA A 226 -24.88 0.34 -27.84
CA ALA A 226 -24.41 0.94 -29.09
C ALA A 226 -22.90 0.85 -29.22
N GLN A 227 -22.36 -0.36 -29.06
CA GLN A 227 -20.95 -0.62 -29.23
C GLN A 227 -20.76 -1.85 -30.10
N ARG A 228 -19.63 -1.89 -30.80
CA ARG A 228 -19.34 -3.01 -31.70
C ARG A 228 -19.01 -4.27 -30.89
N ASP A 229 -19.00 -5.40 -31.59
CA ASP A 229 -18.78 -6.69 -30.95
C ASP A 229 -17.31 -6.95 -30.60
N GLU A 230 -16.39 -6.11 -31.06
CA GLU A 230 -14.98 -6.23 -30.71
C GLU A 230 -14.76 -5.47 -29.41
N ARG A 231 -14.60 -6.22 -28.31
CA ARG A 231 -14.54 -5.65 -26.97
C ARG A 231 -13.13 -5.61 -26.40
N ARG A 232 -12.13 -6.12 -27.12
CA ARG A 232 -10.79 -6.25 -26.56
C ARG A 232 -10.13 -4.91 -26.23
N LYS A 233 -10.72 -3.79 -26.64
CA LYS A 233 -10.13 -2.49 -26.38
C LYS A 233 -10.92 -1.67 -25.35
N TRP A 234 -12.23 -1.53 -25.54
CA TRP A 234 -13.00 -0.70 -24.62
C TRP A 234 -13.32 -1.41 -23.30
N ILE A 235 -13.11 -2.74 -23.22
CA ILE A 235 -13.31 -3.44 -21.96
C ILE A 235 -12.21 -3.17 -20.96
N GLN A 236 -11.09 -2.59 -21.40
CA GLN A 236 -10.00 -2.25 -20.50
C GLN A 236 -10.35 -1.11 -19.55
N CYS A 237 -11.41 -0.36 -19.84
CA CYS A 237 -11.83 0.73 -18.96
C CYS A 237 -12.41 0.21 -17.64
N PHE A 238 -12.86 -1.04 -17.60
CA PHE A 238 -13.51 -1.60 -16.42
C PHE A 238 -12.57 -2.49 -15.61
N ASN A 239 -11.29 -2.14 -15.55
CA ASN A 239 -10.34 -2.90 -14.75
C ASN A 239 -10.39 -2.52 -13.27
N ASP A 240 -10.88 -1.32 -12.96
CA ASP A 240 -10.95 -0.84 -11.58
C ASP A 240 -12.33 -1.00 -10.97
N VAL A 241 -13.27 -1.64 -11.67
CA VAL A 241 -14.60 -1.84 -11.11
C VAL A 241 -14.53 -2.91 -10.02
N THR A 242 -15.55 -2.88 -9.15
CA THR A 242 -15.61 -3.86 -8.06
C THR A 242 -15.79 -5.27 -8.61
N ALA A 243 -16.67 -5.44 -9.60
CA ALA A 243 -16.90 -6.74 -10.19
C ALA A 243 -17.55 -6.55 -11.56
N ILE A 244 -17.33 -7.52 -12.44
CA ILE A 244 -17.95 -7.55 -13.76
C ILE A 244 -19.05 -8.59 -13.74
N ILE A 245 -20.30 -8.15 -13.85
CA ILE A 245 -21.44 -9.04 -13.87
C ILE A 245 -21.54 -9.66 -15.26
N PHE A 246 -21.20 -10.94 -15.36
CA PHE A 246 -21.21 -11.66 -16.63
C PHE A 246 -22.46 -12.52 -16.69
N VAL A 247 -23.43 -12.09 -17.49
CA VAL A 247 -24.70 -12.81 -17.63
C VAL A 247 -24.59 -13.76 -18.82
N VAL A 248 -24.94 -15.02 -18.59
CA VAL A 248 -24.88 -16.06 -19.61
C VAL A 248 -26.27 -16.66 -19.78
N ALA A 249 -26.68 -16.85 -21.03
CA ALA A 249 -27.96 -17.49 -21.35
C ALA A 249 -27.76 -19.00 -21.34
N SER A 250 -27.78 -19.57 -20.14
CA SER A 250 -27.60 -21.01 -19.99
C SER A 250 -28.82 -21.81 -20.40
N SER A 251 -29.97 -21.16 -20.54
CA SER A 251 -31.20 -21.84 -20.94
C SER A 251 -31.10 -22.37 -22.37
N GLN A 262 -29.20 -23.50 -34.12
CA GLN A 262 -28.43 -23.21 -32.92
C GLN A 262 -26.96 -22.98 -33.26
N THR A 263 -26.43 -21.83 -32.84
CA THR A 263 -25.06 -21.45 -33.13
C THR A 263 -24.12 -21.72 -31.96
N ASN A 264 -24.54 -22.54 -31.00
CA ASN A 264 -23.75 -22.87 -29.81
C ASN A 264 -23.38 -21.60 -29.03
N ARG A 265 -24.44 -20.96 -28.51
CA ARG A 265 -24.28 -19.74 -27.72
C ARG A 265 -23.44 -19.96 -26.47
N LEU A 266 -23.54 -21.15 -25.86
CA LEU A 266 -22.87 -21.37 -24.59
C LEU A 266 -21.36 -21.48 -24.79
N GLN A 267 -20.92 -22.06 -25.90
CA GLN A 267 -19.49 -22.11 -26.19
C GLN A 267 -18.93 -20.72 -26.45
N ALA A 268 -19.71 -19.86 -27.11
CA ALA A 268 -19.27 -18.49 -27.33
C ALA A 268 -19.18 -17.73 -26.00
N ALA A 269 -20.16 -17.92 -25.12
CA ALA A 269 -20.09 -17.29 -23.81
C ALA A 269 -18.90 -17.83 -23.01
N LEU A 270 -18.60 -19.12 -23.15
CA LEU A 270 -17.45 -19.71 -22.47
C LEU A 270 -16.15 -19.10 -22.99
N LYS A 271 -16.05 -18.92 -24.31
CA LYS A 271 -14.86 -18.31 -24.87
C LYS A 271 -14.71 -16.86 -24.43
N LEU A 272 -15.82 -16.13 -24.34
CA LEU A 272 -15.76 -14.75 -23.87
C LEU A 272 -15.31 -14.69 -22.40
N PHE A 273 -15.86 -15.56 -21.56
CA PHE A 273 -15.43 -15.62 -20.16
C PHE A 273 -13.97 -16.04 -20.05
N ASP A 274 -13.52 -16.93 -20.93
CA ASP A 274 -12.12 -17.35 -20.92
C ASP A 274 -11.20 -16.19 -21.29
N SER A 275 -11.57 -15.42 -22.31
CA SER A 275 -10.76 -14.27 -22.70
C SER A 275 -10.77 -13.19 -21.62
N ILE A 276 -11.89 -13.02 -20.92
CA ILE A 276 -11.95 -12.04 -19.84
C ILE A 276 -11.11 -12.49 -18.65
N TRP A 277 -11.09 -13.81 -18.38
CA TRP A 277 -10.41 -14.30 -17.19
C TRP A 277 -8.89 -14.21 -17.31
N ASN A 278 -8.35 -14.33 -18.53
CA ASN A 278 -6.91 -14.35 -18.72
C ASN A 278 -6.36 -13.05 -19.30
N ASN A 279 -7.17 -12.01 -19.38
CA ASN A 279 -6.67 -10.72 -19.84
C ASN A 279 -5.83 -10.08 -18.75
N LYS A 280 -4.69 -9.51 -19.14
CA LYS A 280 -3.73 -9.01 -18.16
C LYS A 280 -4.29 -7.85 -17.34
N TRP A 281 -5.25 -7.11 -17.90
CA TRP A 281 -5.82 -5.96 -17.20
C TRP A 281 -7.03 -6.31 -16.35
N LEU A 282 -7.68 -7.44 -16.61
CA LEU A 282 -8.82 -7.89 -15.81
C LEU A 282 -8.48 -9.09 -14.94
N ARG A 283 -7.18 -9.38 -14.76
CA ARG A 283 -6.77 -10.50 -13.93
C ARG A 283 -6.98 -10.21 -12.45
N ASP A 284 -7.18 -8.95 -12.07
CA ASP A 284 -7.50 -8.59 -10.70
C ASP A 284 -8.95 -8.19 -10.51
N THR A 285 -9.72 -8.09 -11.59
CA THR A 285 -11.12 -7.68 -11.53
C THR A 285 -11.98 -8.93 -11.36
N SER A 286 -12.76 -8.96 -10.29
CA SER A 286 -13.63 -10.11 -10.04
C SER A 286 -14.77 -10.15 -11.04
N VAL A 287 -15.35 -11.34 -11.19
CA VAL A 287 -16.43 -11.58 -12.15
C VAL A 287 -17.59 -12.23 -11.41
N ILE A 288 -18.75 -11.59 -11.47
CA ILE A 288 -19.98 -12.17 -10.93
C ILE A 288 -20.68 -12.89 -12.07
N LEU A 289 -20.69 -14.22 -12.01
CA LEU A 289 -21.25 -15.04 -13.08
C LEU A 289 -22.74 -15.26 -12.81
N PHE A 290 -23.58 -14.78 -13.71
CA PHE A 290 -25.03 -14.97 -13.63
C PHE A 290 -25.44 -15.91 -14.76
N LEU A 291 -25.89 -17.11 -14.41
CA LEU A 291 -26.31 -18.12 -15.37
C LEU A 291 -27.83 -18.12 -15.43
N ASN A 292 -28.37 -17.39 -16.40
CA ASN A 292 -29.81 -17.30 -16.56
C ASN A 292 -30.40 -18.62 -17.04
N ILE A 308 -28.54 -34.16 -26.02
CA ILE A 308 -28.20 -32.82 -25.53
C ILE A 308 -26.69 -32.63 -25.58
N GLU A 309 -25.94 -33.72 -25.39
CA GLU A 309 -24.48 -33.66 -25.43
C GLU A 309 -23.95 -33.70 -26.85
N ASP A 310 -24.54 -32.86 -27.71
CA ASP A 310 -24.07 -32.69 -29.08
C ASP A 310 -22.97 -31.66 -29.19
N TYR A 311 -22.81 -30.80 -28.20
CA TYR A 311 -21.75 -29.80 -28.17
C TYR A 311 -20.80 -29.96 -26.99
N PHE A 312 -21.07 -30.90 -26.07
CA PHE A 312 -20.18 -31.18 -24.96
C PHE A 312 -20.29 -32.66 -24.63
N PRO A 313 -19.45 -33.50 -25.25
CA PRO A 313 -19.52 -34.95 -24.98
C PRO A 313 -19.09 -35.34 -23.57
N GLU A 314 -18.49 -34.44 -22.81
CA GLU A 314 -18.15 -34.71 -21.42
C GLU A 314 -19.37 -34.66 -20.49
N PHE A 315 -20.58 -34.55 -21.05
CA PHE A 315 -21.78 -34.52 -20.23
C PHE A 315 -22.22 -35.90 -19.77
N ALA A 316 -21.91 -36.95 -20.53
CA ALA A 316 -22.35 -38.28 -20.16
C ALA A 316 -21.65 -38.78 -18.90
N ARG A 317 -20.32 -38.67 -18.87
CA ARG A 317 -19.51 -39.13 -17.75
C ARG A 317 -19.42 -38.10 -16.63
N TYR A 318 -20.07 -36.95 -16.77
CA TYR A 318 -20.04 -35.95 -15.72
C TYR A 318 -20.86 -36.43 -14.51
N THR A 319 -20.36 -36.10 -13.32
CA THR A 319 -20.99 -36.50 -12.08
C THR A 319 -21.27 -35.27 -11.23
N THR A 320 -22.46 -35.25 -10.63
CA THR A 320 -22.84 -34.15 -9.74
C THR A 320 -21.97 -34.17 -8.49
N PRO A 321 -21.13 -33.15 -8.26
CA PRO A 321 -20.22 -33.19 -7.11
C PRO A 321 -20.94 -32.95 -5.78
N GLU A 322 -20.21 -33.10 -4.68
CA GLU A 322 -20.80 -32.85 -3.36
C GLU A 322 -21.04 -31.36 -3.14
N ASP A 323 -20.27 -30.50 -3.79
CA ASP A 323 -20.50 -29.06 -3.70
C ASP A 323 -21.82 -28.65 -4.33
N ALA A 324 -22.41 -29.52 -5.16
CA ALA A 324 -23.67 -29.22 -5.83
C ALA A 324 -24.82 -29.61 -4.92
N THR A 325 -25.56 -28.61 -4.43
CA THR A 325 -26.73 -28.87 -3.60
C THR A 325 -27.99 -28.71 -4.46
N PRO A 326 -28.77 -29.77 -4.65
CA PRO A 326 -29.98 -29.64 -5.48
C PRO A 326 -31.02 -28.74 -4.83
N GLU A 327 -31.53 -27.79 -5.60
CA GLU A 327 -32.57 -26.91 -5.11
C GLU A 327 -33.87 -27.71 -4.89
N PRO A 328 -34.75 -27.23 -4.00
CA PRO A 328 -36.02 -27.92 -3.79
C PRO A 328 -36.88 -27.89 -5.04
N GLY A 329 -37.48 -29.04 -5.36
CA GLY A 329 -38.27 -29.17 -6.56
C GLY A 329 -37.43 -29.16 -7.82
N GLU A 330 -36.43 -30.04 -7.89
CA GLU A 330 -35.51 -30.09 -9.00
C GLU A 330 -35.27 -31.54 -9.41
N ASP A 331 -35.40 -31.80 -10.71
CA ASP A 331 -35.12 -33.13 -11.24
C ASP A 331 -33.62 -33.34 -11.36
N PRO A 332 -33.17 -34.59 -11.33
CA PRO A 332 -31.72 -34.84 -11.36
C PRO A 332 -31.03 -34.42 -12.64
N ARG A 333 -31.67 -34.59 -13.80
CA ARG A 333 -31.00 -34.31 -15.07
C ARG A 333 -30.79 -32.82 -15.27
N VAL A 334 -31.83 -32.01 -14.99
CA VAL A 334 -31.71 -30.57 -15.19
C VAL A 334 -30.71 -29.97 -14.22
N THR A 335 -30.70 -30.46 -12.96
CA THR A 335 -29.72 -29.98 -12.00
C THR A 335 -28.31 -30.40 -12.38
N ARG A 336 -28.17 -31.62 -12.91
CA ARG A 336 -26.86 -32.08 -13.38
C ARG A 336 -26.35 -31.22 -14.53
N ALA A 337 -27.24 -30.86 -15.46
CA ALA A 337 -26.82 -30.00 -16.57
C ALA A 337 -26.46 -28.61 -16.08
N LYS A 338 -27.27 -28.06 -15.16
CA LYS A 338 -26.97 -26.75 -14.58
C LYS A 338 -25.59 -26.73 -13.95
N TYR A 339 -25.32 -27.66 -13.04
CA TYR A 339 -24.01 -27.72 -12.41
C TYR A 339 -22.92 -28.12 -13.39
N PHE A 340 -23.27 -28.77 -14.50
CA PHE A 340 -22.28 -29.09 -15.52
C PHE A 340 -21.78 -27.83 -16.22
N ILE A 341 -22.69 -26.96 -16.63
CA ILE A 341 -22.26 -25.66 -17.17
C ILE A 341 -21.53 -24.85 -16.10
N ARG A 342 -22.01 -24.94 -14.85
CA ARG A 342 -21.37 -24.21 -13.75
C ARG A 342 -19.91 -24.62 -13.60
N ASP A 343 -19.64 -25.93 -13.60
CA ASP A 343 -18.27 -26.41 -13.46
C ASP A 343 -17.47 -26.22 -14.74
N GLU A 344 -18.13 -26.19 -15.91
CA GLU A 344 -17.44 -25.81 -17.13
C GLU A 344 -16.89 -24.40 -17.03
N PHE A 345 -17.63 -23.51 -16.39
CA PHE A 345 -17.13 -22.15 -16.18
C PHE A 345 -16.07 -22.13 -15.08
N LEU A 346 -16.29 -22.89 -14.00
CA LEU A 346 -15.32 -22.89 -12.91
C LEU A 346 -13.99 -23.52 -13.28
N ARG A 347 -13.95 -24.42 -14.27
CA ARG A 347 -12.68 -24.99 -14.70
C ARG A 347 -11.81 -23.95 -15.37
N ILE A 348 -12.42 -23.07 -16.18
CA ILE A 348 -11.70 -21.93 -16.72
C ILE A 348 -11.33 -20.96 -15.60
N SER A 349 -12.24 -20.79 -14.63
CA SER A 349 -11.98 -19.88 -13.52
C SER A 349 -10.78 -20.33 -12.68
N THR A 350 -10.55 -21.64 -12.60
CA THR A 350 -9.52 -22.18 -11.73
C THR A 350 -8.20 -22.44 -12.45
N ALA A 351 -8.22 -22.58 -13.78
CA ALA A 351 -6.99 -22.87 -14.51
C ALA A 351 -6.20 -21.60 -14.78
N SER A 352 -5.97 -20.79 -13.75
CA SER A 352 -5.17 -19.58 -13.84
C SER A 352 -4.73 -19.19 -12.44
N GLY A 353 -3.43 -19.21 -12.18
CA GLY A 353 -2.92 -18.88 -10.87
C GLY A 353 -2.54 -17.42 -10.74
N ASP A 354 -2.39 -16.74 -11.87
CA ASP A 354 -1.99 -15.34 -11.89
C ASP A 354 -3.23 -14.45 -11.82
N GLY A 355 -3.31 -13.64 -10.79
CA GLY A 355 -4.41 -12.69 -10.65
C GLY A 355 -5.05 -12.66 -9.26
N ARG A 356 -5.62 -11.51 -8.92
CA ARG A 356 -6.31 -11.32 -7.66
C ARG A 356 -7.82 -11.56 -7.78
N HIS A 357 -8.30 -11.94 -8.96
CA HIS A 357 -9.73 -11.98 -9.21
C HIS A 357 -10.38 -13.22 -8.60
N TYR A 358 -11.70 -13.17 -8.51
CA TYR A 358 -12.51 -14.30 -8.07
C TYR A 358 -13.74 -14.40 -8.97
N CYS A 359 -14.36 -15.58 -8.95
CA CYS A 359 -15.56 -15.83 -9.73
C CYS A 359 -16.68 -16.25 -8.78
N TYR A 360 -17.82 -15.56 -8.88
CA TYR A 360 -18.98 -15.80 -8.02
C TYR A 360 -20.15 -16.24 -8.91
N PRO A 361 -20.34 -17.55 -9.10
CA PRO A 361 -21.45 -18.01 -9.96
C PRO A 361 -22.75 -18.12 -9.19
N HIS A 362 -23.84 -17.75 -9.86
CA HIS A 362 -25.19 -17.88 -9.31
C HIS A 362 -26.13 -18.32 -10.41
N PHE A 363 -27.14 -19.09 -10.03
CA PHE A 363 -28.11 -19.61 -10.99
C PHE A 363 -29.23 -18.61 -11.24
N ASN A 371 -32.16 -10.34 -6.65
CA ASN A 371 -30.94 -10.49 -7.44
C ASN A 371 -29.95 -9.37 -7.10
N ILE A 372 -30.46 -8.32 -6.45
CA ILE A 372 -29.58 -7.21 -6.07
C ILE A 372 -28.78 -7.55 -4.81
N ARG A 373 -29.38 -8.31 -3.89
CA ARG A 373 -28.66 -8.67 -2.67
C ARG A 373 -27.51 -9.63 -2.96
N ARG A 374 -27.65 -10.45 -4.00
CA ARG A 374 -26.54 -11.31 -4.41
C ARG A 374 -25.34 -10.46 -4.83
N VAL A 375 -25.58 -9.46 -5.68
CA VAL A 375 -24.50 -8.57 -6.12
C VAL A 375 -23.93 -7.81 -4.93
N PHE A 376 -24.80 -7.39 -3.99
CA PHE A 376 -24.33 -6.67 -2.81
C PHE A 376 -23.40 -7.53 -1.96
N ASN A 377 -23.82 -8.77 -1.68
CA ASN A 377 -22.99 -9.66 -0.87
C ASN A 377 -21.69 -10.00 -1.58
N ASP A 378 -21.75 -10.21 -2.90
CA ASP A 378 -20.53 -10.52 -3.64
C ASP A 378 -19.56 -9.35 -3.63
N CYS A 379 -20.08 -8.13 -3.80
CA CYS A 379 -19.24 -6.94 -3.74
C CYS A 379 -18.63 -6.75 -2.36
N ARG A 380 -19.41 -7.02 -1.30
CA ARG A 380 -18.86 -6.92 0.04
C ARG A 380 -17.77 -7.95 0.27
N ASP A 381 -17.96 -9.16 -0.25
CA ASP A 381 -16.93 -10.19 -0.14
C ASP A 381 -15.67 -9.79 -0.90
N ILE A 382 -15.83 -9.19 -2.08
CA ILE A 382 -14.68 -8.74 -2.86
C ILE A 382 -13.93 -7.64 -2.10
N ILE A 383 -14.66 -6.72 -1.48
CA ILE A 383 -14.03 -5.64 -0.73
C ILE A 383 -13.29 -6.19 0.48
N GLN A 384 -13.89 -7.16 1.17
CA GLN A 384 -13.22 -7.79 2.31
C GLN A 384 -11.95 -8.52 1.88
N ARG A 385 -12.01 -9.23 0.75
CA ARG A 385 -10.83 -9.94 0.27
C ARG A 385 -9.74 -8.97 -0.14
N MET A 386 -10.11 -7.84 -0.76
CA MET A 386 -9.11 -6.85 -1.14
C MET A 386 -8.47 -6.21 0.09
N HIS A 387 -9.27 -5.94 1.13
CA HIS A 387 -8.70 -5.42 2.37
C HIS A 387 -7.76 -6.43 3.02
N LEU A 388 -8.13 -7.71 3.01
CA LEU A 388 -7.26 -8.73 3.58
C LEU A 388 -5.97 -8.87 2.78
N ARG A 389 -6.05 -8.70 1.46
CA ARG A 389 -4.86 -8.80 0.63
C ARG A 389 -3.95 -7.59 0.79
N GLN A 390 -4.53 -6.40 1.03
CA GLN A 390 -3.71 -5.22 1.27
C GLN A 390 -2.92 -5.33 2.56
N TYR A 391 -3.39 -6.14 3.50
CA TYR A 391 -2.68 -6.40 4.75
C TYR A 391 -1.80 -7.64 4.65
N GLU A 392 -1.65 -8.22 3.46
CA GLU A 392 -0.89 -9.44 3.22
C GLU A 392 -1.37 -10.60 4.09
N LEU A 393 -2.64 -10.61 4.46
CA LEU A 393 -3.23 -11.72 5.18
C LEU A 393 -3.81 -12.78 4.26
N LEU A 394 -4.31 -12.37 3.10
CA LEU A 394 -4.86 -13.29 2.11
C LEU A 394 -4.16 -13.12 0.77
N ASP B 15 -17.80 -11.29 -60.52
CA ASP B 15 -17.75 -12.61 -59.90
C ASP B 15 -16.84 -12.62 -58.68
N GLN B 16 -15.55 -12.80 -58.92
CA GLN B 16 -14.54 -12.84 -57.86
C GLN B 16 -13.58 -11.66 -58.07
N LEU B 17 -13.89 -10.54 -57.43
CA LEU B 17 -13.04 -9.36 -57.50
C LEU B 17 -11.92 -9.36 -56.49
N ARG B 18 -11.83 -10.38 -55.63
CA ARG B 18 -10.78 -10.42 -54.62
C ARG B 18 -9.42 -10.74 -55.24
N GLN B 19 -9.39 -11.52 -56.31
CA GLN B 19 -8.12 -11.80 -56.97
C GLN B 19 -7.54 -10.56 -57.60
N GLU B 20 -8.39 -9.68 -58.15
CA GLU B 20 -7.92 -8.41 -58.66
C GLU B 20 -7.34 -7.56 -57.53
N ALA B 21 -7.98 -7.59 -56.36
CA ALA B 21 -7.44 -6.88 -55.21
C ALA B 21 -6.09 -7.44 -54.78
N GLU B 22 -5.91 -8.76 -54.90
CA GLU B 22 -4.63 -9.36 -54.51
C GLU B 22 -3.53 -9.01 -55.51
N GLN B 23 -3.86 -9.00 -56.81
CA GLN B 23 -2.84 -8.58 -57.78
C GLN B 23 -2.56 -7.09 -57.67
N LEU B 24 -3.54 -6.28 -57.27
CA LEU B 24 -3.25 -4.87 -56.99
C LEU B 24 -2.37 -4.73 -55.76
N LYS B 25 -2.56 -5.61 -54.75
CA LYS B 25 -1.66 -5.65 -53.62
C LYS B 25 -0.25 -6.01 -54.05
N ASN B 26 -0.12 -6.96 -54.97
CA ASN B 26 1.20 -7.30 -55.52
C ASN B 26 1.81 -6.11 -56.24
N GLN B 27 1.01 -5.40 -57.05
CA GLN B 27 1.46 -4.17 -57.69
C GLN B 27 2.01 -3.18 -56.67
N ILE B 28 1.24 -2.89 -55.63
CA ILE B 28 1.67 -1.92 -54.63
C ILE B 28 2.94 -2.40 -53.93
N ARG B 29 2.99 -3.68 -53.56
CA ARG B 29 4.13 -4.19 -52.81
C ARG B 29 5.41 -4.16 -53.63
N ASP B 30 5.35 -4.59 -54.89
CA ASP B 30 6.58 -4.57 -55.69
C ASP B 30 6.94 -3.14 -56.09
N ALA B 31 5.95 -2.23 -56.12
CA ALA B 31 6.27 -0.82 -56.31
C ALA B 31 7.03 -0.25 -55.12
N ARG B 32 6.61 -0.60 -53.90
CA ARG B 32 7.35 -0.17 -52.72
C ARG B 32 8.73 -0.81 -52.67
N LYS B 33 8.83 -2.08 -53.07
CA LYS B 33 10.12 -2.76 -53.07
C LYS B 33 11.06 -2.22 -54.14
N ALA B 34 10.53 -1.68 -55.23
CA ALA B 34 11.39 -1.10 -56.26
C ALA B 34 12.06 0.18 -55.77
N CYS B 35 11.37 0.94 -54.93
CA CYS B 35 11.90 2.18 -54.39
C CYS B 35 12.53 2.01 -53.01
N ALA B 36 13.08 0.84 -52.72
CA ALA B 36 13.74 0.55 -51.45
C ALA B 36 15.22 0.29 -51.74
N ASP B 37 16.02 1.36 -51.69
CA ASP B 37 17.46 1.23 -51.93
C ASP B 37 18.19 0.76 -50.66
N ALA B 38 18.11 1.54 -49.60
CA ALA B 38 18.76 1.21 -48.33
C ALA B 38 17.87 1.66 -47.19
N THR B 39 17.84 0.86 -46.12
CA THR B 39 17.05 1.18 -44.95
C THR B 39 17.61 2.41 -44.25
N LEU B 40 16.75 3.07 -43.47
CA LEU B 40 17.15 4.25 -42.72
C LEU B 40 18.34 3.97 -41.80
N SER B 41 18.48 2.71 -41.35
CA SER B 41 19.64 2.34 -40.56
C SER B 41 20.91 2.29 -41.40
N GLN B 42 20.79 1.92 -42.69
CA GLN B 42 21.96 1.78 -43.55
C GLN B 42 22.58 3.12 -43.91
N ILE B 43 21.86 4.23 -43.75
CA ILE B 43 22.37 5.55 -44.10
C ILE B 43 22.74 6.36 -42.86
N THR B 44 21.95 6.25 -41.79
CA THR B 44 22.18 7.01 -40.57
C THR B 44 23.31 6.35 -39.78
N ASN B 45 24.53 6.57 -40.23
CA ASN B 45 25.71 6.06 -39.54
C ASN B 45 26.75 7.16 -39.33
N ASN B 46 26.72 8.18 -40.20
CA ASN B 46 27.64 9.30 -40.07
C ASN B 46 27.31 10.20 -38.89
N ILE B 47 26.09 10.11 -38.36
CA ILE B 47 25.68 10.94 -37.23
C ILE B 47 26.16 10.31 -35.93
N ASP B 48 26.40 11.16 -34.93
CA ASP B 48 26.85 10.68 -33.64
C ASP B 48 25.68 10.09 -32.84
N PRO B 49 25.94 9.09 -32.01
CA PRO B 49 24.88 8.53 -31.18
C PRO B 49 24.34 9.57 -30.19
N VAL B 50 23.04 9.50 -29.94
CA VAL B 50 22.38 10.47 -29.07
C VAL B 50 22.80 10.33 -27.61
N GLY B 51 23.36 9.19 -27.23
CA GLY B 51 23.82 8.99 -25.87
C GLY B 51 22.71 8.58 -24.93
N ARG B 52 23.08 8.45 -23.66
CA ARG B 52 22.15 8.05 -22.61
C ARG B 52 21.29 9.25 -22.22
N ILE B 53 20.01 9.20 -22.57
CA ILE B 53 19.07 10.25 -22.21
C ILE B 53 18.58 9.99 -20.78
N GLN B 54 18.98 10.85 -19.85
CA GLN B 54 18.65 10.70 -18.43
C GLN B 54 17.67 11.82 -18.06
N MET B 55 16.38 11.55 -18.24
CA MET B 55 15.34 12.50 -17.88
C MET B 55 14.76 12.15 -16.51
N ARG B 56 14.62 13.18 -15.68
CA ARG B 56 14.18 13.00 -14.30
C ARG B 56 12.79 13.58 -14.10
N THR B 57 12.10 13.09 -13.08
CA THR B 57 10.78 13.60 -12.74
C THR B 57 10.90 14.97 -12.09
N ARG B 58 10.19 15.96 -12.62
CA ARG B 58 10.20 17.32 -12.10
C ARG B 58 8.94 17.67 -11.32
N ARG B 59 7.77 17.27 -11.82
CA ARG B 59 6.50 17.54 -11.17
C ARG B 59 5.65 16.29 -11.14
N THR B 60 4.85 16.16 -10.08
CA THR B 60 3.92 15.03 -9.92
C THR B 60 2.56 15.63 -9.58
N LEU B 61 1.71 15.76 -10.60
CA LEU B 61 0.39 16.36 -10.41
C LEU B 61 -0.54 15.34 -9.77
N ARG B 62 -0.91 15.58 -8.52
CA ARG B 62 -1.84 14.73 -7.78
C ARG B 62 -3.19 15.42 -7.66
N GLY B 63 -4.23 14.61 -7.52
CA GLY B 63 -5.58 15.13 -7.42
C GLY B 63 -6.59 14.30 -8.16
N HIS B 64 -6.15 13.57 -9.17
CA HIS B 64 -7.04 12.68 -9.92
C HIS B 64 -7.37 11.44 -9.09
N LEU B 65 -8.59 10.95 -9.24
CA LEU B 65 -9.06 9.85 -8.40
C LEU B 65 -8.89 8.49 -9.06
N ALA B 66 -9.28 8.36 -10.31
CA ALA B 66 -9.20 7.11 -11.04
C ALA B 66 -8.05 7.15 -12.03
N LYS B 67 -7.92 6.09 -12.82
CA LYS B 67 -6.86 6.00 -13.81
C LYS B 67 -7.03 7.09 -14.87
N ILE B 68 -5.90 7.64 -15.30
CA ILE B 68 -5.89 8.71 -16.29
C ILE B 68 -5.72 8.09 -17.67
N TYR B 69 -6.60 8.45 -18.60
CA TYR B 69 -6.60 7.86 -19.94
C TYR B 69 -5.95 8.73 -20.99
N ALA B 70 -6.03 10.05 -20.87
CA ALA B 70 -5.51 10.93 -21.91
C ALA B 70 -5.15 12.28 -21.32
N MET B 71 -4.24 12.96 -22.00
CA MET B 71 -3.83 14.31 -21.65
C MET B 71 -3.47 15.05 -22.93
N HIS B 72 -3.49 16.38 -22.86
CA HIS B 72 -3.14 17.20 -24.01
C HIS B 72 -2.56 18.51 -23.53
N TRP B 73 -1.34 18.82 -23.98
CA TRP B 73 -0.72 20.09 -23.67
C TRP B 73 -1.41 21.22 -24.44
N GLY B 74 -1.41 22.41 -23.84
CA GLY B 74 -1.88 23.59 -24.53
C GLY B 74 -0.78 24.22 -25.38
N THR B 75 -1.21 25.17 -26.21
CA THR B 75 -0.24 25.89 -27.05
C THR B 75 0.72 26.73 -26.24
N ASP B 76 0.36 27.09 -25.02
CA ASP B 76 1.23 27.86 -24.14
C ASP B 76 2.27 27.00 -23.43
N SER B 77 2.21 25.68 -23.59
CA SER B 77 3.14 24.73 -22.96
C SER B 77 3.13 24.82 -21.44
N ARG B 78 2.12 25.48 -20.86
CA ARG B 78 1.99 25.60 -19.42
C ARG B 78 0.70 24.97 -18.91
N LEU B 79 -0.43 25.27 -19.54
CA LEU B 79 -1.72 24.69 -19.16
C LEU B 79 -1.93 23.37 -19.88
N LEU B 80 -2.29 22.34 -19.13
CA LEU B 80 -2.55 21.02 -19.68
C LEU B 80 -3.85 20.48 -19.11
N VAL B 81 -4.60 19.78 -19.95
CA VAL B 81 -5.87 19.16 -19.55
C VAL B 81 -5.63 17.67 -19.38
N SER B 82 -6.29 17.09 -18.38
CA SER B 82 -6.15 15.66 -18.09
C SER B 82 -7.53 15.06 -17.88
N ALA B 83 -7.75 13.90 -18.48
CA ALA B 83 -9.03 13.20 -18.43
C ALA B 83 -8.83 11.86 -17.73
N SER B 84 -9.34 11.76 -16.50
CA SER B 84 -9.34 10.50 -15.77
C SER B 84 -10.76 9.95 -15.69
N GLN B 85 -10.86 8.64 -15.55
CA GLN B 85 -12.16 7.97 -15.58
C GLN B 85 -12.96 8.13 -14.30
N ASP B 86 -12.56 9.05 -13.42
CA ASP B 86 -13.35 9.41 -12.26
C ASP B 86 -14.43 10.44 -12.59
N GLY B 87 -14.53 10.86 -13.85
CA GLY B 87 -15.51 11.86 -14.23
C GLY B 87 -15.06 13.28 -14.02
N LYS B 88 -13.79 13.59 -14.29
CA LYS B 88 -13.23 14.91 -14.05
C LYS B 88 -12.26 15.29 -15.15
N LEU B 89 -12.32 16.56 -15.56
CA LEU B 89 -11.32 17.18 -16.43
C LEU B 89 -10.64 18.28 -15.64
N ILE B 90 -9.40 18.04 -15.24
CA ILE B 90 -8.64 18.99 -14.43
C ILE B 90 -7.67 19.72 -15.35
N ILE B 91 -7.74 21.05 -15.34
CA ILE B 91 -6.83 21.89 -16.08
C ILE B 91 -5.71 22.30 -15.13
N TRP B 92 -4.51 21.75 -15.34
CA TRP B 92 -3.39 21.96 -14.45
C TRP B 92 -2.54 23.13 -14.93
N ASP B 93 -1.86 23.77 -13.98
CA ASP B 93 -0.81 24.74 -14.26
C ASP B 93 0.50 24.04 -13.93
N SER B 94 1.17 23.53 -14.97
CA SER B 94 2.37 22.72 -14.76
C SER B 94 3.49 23.50 -14.09
N TYR B 95 3.47 24.83 -14.14
CA TYR B 95 4.54 25.61 -13.55
C TYR B 95 4.38 25.71 -12.03
N THR B 96 3.13 25.75 -11.55
CA THR B 96 2.85 25.93 -10.13
C THR B 96 2.09 24.77 -9.51
N THR B 97 1.83 23.70 -10.27
CA THR B 97 1.05 22.54 -9.84
C THR B 97 -0.37 22.89 -9.42
N ASN B 98 -0.81 24.12 -9.67
CA ASN B 98 -2.15 24.54 -9.26
C ASN B 98 -3.19 24.08 -10.28
N LYS B 99 -4.38 23.78 -9.77
CA LYS B 99 -5.50 23.38 -10.61
C LYS B 99 -6.28 24.61 -11.02
N VAL B 100 -6.34 24.88 -12.32
CA VAL B 100 -7.02 26.06 -12.81
C VAL B 100 -8.52 25.82 -12.91
N HIS B 101 -8.93 24.68 -13.44
CA HIS B 101 -10.33 24.34 -13.57
C HIS B 101 -10.54 22.87 -13.23
N ALA B 102 -11.71 22.56 -12.67
CA ALA B 102 -12.13 21.20 -12.40
C ALA B 102 -13.52 21.01 -12.99
N ILE B 103 -13.60 20.29 -14.11
CA ILE B 103 -14.82 20.17 -14.88
C ILE B 103 -15.45 18.82 -14.56
N PRO B 104 -16.57 18.77 -13.85
CA PRO B 104 -17.27 17.50 -13.65
C PRO B 104 -18.04 17.11 -14.91
N LEU B 105 -17.92 15.84 -15.29
CA LEU B 105 -18.51 15.34 -16.53
C LEU B 105 -19.81 14.58 -16.23
N ARG B 106 -20.68 14.54 -17.25
CA ARG B 106 -21.88 13.73 -17.15
C ARG B 106 -21.55 12.24 -17.24
N SER B 107 -20.62 11.88 -18.12
CA SER B 107 -20.18 10.50 -18.29
C SER B 107 -18.76 10.36 -17.75
N SER B 108 -18.59 9.46 -16.78
CA SER B 108 -17.29 9.28 -16.13
C SER B 108 -16.32 8.44 -16.95
N TRP B 109 -16.78 7.75 -17.98
CA TRP B 109 -15.92 6.87 -18.77
C TRP B 109 -15.31 7.63 -19.95
N VAL B 110 -14.47 8.61 -19.61
CA VAL B 110 -13.78 9.41 -20.63
C VAL B 110 -12.54 8.66 -21.09
N MET B 111 -12.27 8.72 -22.39
CA MET B 111 -11.11 8.06 -22.97
C MET B 111 -10.19 9.00 -23.73
N THR B 112 -10.60 10.23 -23.99
CA THR B 112 -9.77 11.18 -24.71
C THR B 112 -10.13 12.60 -24.27
N CYS B 113 -9.20 13.52 -24.52
CA CYS B 113 -9.41 14.92 -24.22
C CYS B 113 -8.53 15.76 -25.13
N ALA B 114 -9.02 16.94 -25.49
CA ALA B 114 -8.32 17.82 -26.42
C ALA B 114 -8.39 19.25 -25.91
N TYR B 115 -7.22 19.90 -25.84
CA TYR B 115 -7.12 21.30 -25.50
C TYR B 115 -7.08 22.11 -26.79
N ALA B 116 -8.03 23.02 -26.95
CA ALA B 116 -8.10 23.81 -28.17
C ALA B 116 -6.87 24.73 -28.26
N PRO B 117 -6.35 24.97 -29.47
CA PRO B 117 -5.18 25.85 -29.59
C PRO B 117 -5.45 27.28 -29.16
N SER B 118 -6.72 27.71 -29.13
CA SER B 118 -7.05 29.05 -28.68
C SER B 118 -7.14 29.15 -27.16
N GLY B 119 -7.25 28.02 -26.46
CA GLY B 119 -7.38 28.03 -25.03
C GLY B 119 -8.75 28.39 -24.50
N ASN B 120 -9.71 28.65 -25.37
CA ASN B 120 -11.05 29.05 -24.95
C ASN B 120 -11.97 27.86 -24.71
N TYR B 121 -11.72 26.72 -25.35
CA TYR B 121 -12.59 25.56 -25.26
C TYR B 121 -11.76 24.32 -24.94
N VAL B 122 -12.44 23.30 -24.44
CA VAL B 122 -11.84 21.99 -24.20
C VAL B 122 -12.87 20.93 -24.57
N ALA B 123 -12.37 19.77 -25.01
CA ALA B 123 -13.22 18.68 -25.45
C ALA B 123 -12.79 17.39 -24.75
N CYS B 124 -13.72 16.43 -24.71
CA CYS B 124 -13.46 15.14 -24.10
C CYS B 124 -14.51 14.15 -24.59
N GLY B 125 -14.17 12.87 -24.53
CA GLY B 125 -15.07 11.83 -24.97
C GLY B 125 -14.57 10.48 -24.50
N GLY B 126 -15.43 9.48 -24.67
CA GLY B 126 -15.12 8.15 -24.21
C GLY B 126 -16.17 7.12 -24.59
N LEU B 127 -16.57 6.28 -23.63
CA LEU B 127 -17.55 5.24 -23.91
C LEU B 127 -18.87 5.81 -24.39
N ASP B 128 -19.19 7.06 -24.05
CA ASP B 128 -20.32 7.75 -24.65
C ASP B 128 -19.93 8.24 -26.04
N ASN B 129 -20.79 8.02 -27.02
CA ASN B 129 -20.50 8.42 -28.41
C ASN B 129 -20.80 9.90 -28.60
N ILE B 130 -20.18 10.72 -27.76
CA ILE B 130 -20.42 12.16 -27.74
C ILE B 130 -19.11 12.86 -27.41
N CYS B 131 -18.74 13.84 -28.24
CA CYS B 131 -17.59 14.70 -27.98
C CYS B 131 -18.12 16.02 -27.40
N SER B 132 -18.01 16.17 -26.09
CA SER B 132 -18.56 17.33 -25.39
C SER B 132 -17.56 18.47 -25.40
N ILE B 133 -18.01 19.65 -25.85
CA ILE B 133 -17.18 20.85 -25.89
C ILE B 133 -17.55 21.72 -24.70
N TYR B 134 -16.58 22.01 -23.85
CA TYR B 134 -16.77 22.83 -22.66
C TYR B 134 -16.16 24.20 -22.88
N ASN B 135 -16.92 25.25 -22.57
CA ASN B 135 -16.46 26.62 -22.73
C ASN B 135 -15.73 27.06 -21.47
N LEU B 136 -14.57 27.69 -21.64
CA LEU B 136 -13.78 28.18 -20.53
C LEU B 136 -13.69 29.70 -20.46
N LYS B 137 -14.24 30.41 -21.45
CA LYS B 137 -14.15 31.87 -21.47
C LYS B 137 -15.53 32.50 -21.39
N THR B 138 -16.38 31.99 -20.50
CA THR B 138 -17.73 32.50 -20.36
C THR B 138 -17.72 33.89 -19.72
N ARG B 139 -18.88 34.55 -19.77
CA ARG B 139 -19.04 35.91 -19.29
C ARG B 139 -19.37 36.00 -17.81
N GLU B 140 -19.41 34.87 -17.11
CA GLU B 140 -19.88 34.84 -15.73
C GLU B 140 -18.90 34.14 -14.80
N GLY B 141 -18.04 33.30 -15.35
CA GLY B 141 -17.01 32.63 -14.59
C GLY B 141 -17.26 31.17 -14.27
N ASN B 142 -18.00 30.45 -15.10
CA ASN B 142 -18.29 29.04 -14.86
C ASN B 142 -18.05 28.25 -16.14
N VAL B 143 -17.45 27.08 -15.98
CA VAL B 143 -17.22 26.18 -17.11
C VAL B 143 -18.53 25.49 -17.46
N ARG B 144 -19.06 25.78 -18.64
CA ARG B 144 -20.34 25.25 -19.06
C ARG B 144 -20.17 24.45 -20.35
N VAL B 145 -21.13 23.56 -20.59
CA VAL B 145 -21.13 22.77 -21.81
C VAL B 145 -21.66 23.64 -22.95
N SER B 146 -20.79 23.96 -23.91
CA SER B 146 -21.20 24.78 -25.04
C SER B 146 -21.85 23.96 -26.14
N ARG B 147 -21.46 22.70 -26.31
CA ARG B 147 -22.02 21.84 -27.34
C ARG B 147 -21.77 20.39 -26.96
N GLU B 148 -22.59 19.51 -27.52
CA GLU B 148 -22.45 18.06 -27.35
C GLU B 148 -22.62 17.42 -28.73
N LEU B 149 -21.49 17.08 -29.35
CA LEU B 149 -21.49 16.53 -30.70
C LEU B 149 -21.90 15.06 -30.65
N ALA B 150 -23.03 14.73 -31.27
CA ALA B 150 -23.54 13.37 -31.31
C ALA B 150 -23.70 12.92 -32.76
N GLY B 151 -23.66 11.60 -32.96
CA GLY B 151 -23.77 11.03 -34.28
C GLY B 151 -22.90 9.81 -34.49
N HIS B 152 -21.90 9.62 -33.63
CA HIS B 152 -21.07 8.43 -33.70
C HIS B 152 -21.81 7.23 -33.13
N THR B 153 -21.45 6.05 -33.62
CA THR B 153 -22.02 4.79 -33.15
C THR B 153 -21.04 3.96 -32.35
N GLY B 154 -19.92 4.54 -31.92
CA GLY B 154 -18.94 3.83 -31.13
C GLY B 154 -18.28 4.77 -30.14
N TYR B 155 -17.50 4.18 -29.24
CA TYR B 155 -16.83 4.97 -28.22
C TYR B 155 -15.83 5.93 -28.84
N LEU B 156 -15.72 7.11 -28.24
CA LEU B 156 -14.80 8.14 -28.72
C LEU B 156 -13.40 7.81 -28.22
N SER B 157 -12.48 7.51 -29.14
CA SER B 157 -11.13 7.13 -28.77
C SER B 157 -10.15 8.30 -28.80
N CYS B 158 -10.35 9.26 -29.71
CA CYS B 158 -9.45 10.39 -29.83
C CYS B 158 -10.18 11.55 -30.49
N CYS B 159 -9.82 12.76 -30.09
CA CYS B 159 -10.37 13.98 -30.67
C CYS B 159 -9.30 15.06 -30.65
N ARG B 160 -9.28 15.90 -31.67
CA ARG B 160 -8.30 16.97 -31.79
C ARG B 160 -8.96 18.18 -32.43
N PHE B 161 -8.70 19.36 -31.87
CA PHE B 161 -9.30 20.59 -32.37
C PHE B 161 -8.62 21.03 -33.66
N LEU B 162 -9.43 21.30 -34.68
CA LEU B 162 -8.91 21.97 -35.87
C LEU B 162 -8.86 23.48 -35.66
N ASP B 163 -9.90 24.03 -35.03
CA ASP B 163 -9.97 25.44 -34.66
C ASP B 163 -11.04 25.57 -33.60
N ASP B 164 -11.45 26.81 -33.31
CA ASP B 164 -12.49 27.05 -32.32
C ASP B 164 -13.84 26.51 -32.79
N ASN B 165 -14.03 26.30 -34.09
CA ASN B 165 -15.31 25.87 -34.63
C ASN B 165 -15.28 24.49 -35.26
N GLN B 166 -14.11 23.95 -35.57
CA GLN B 166 -13.98 22.64 -36.19
C GLN B 166 -13.16 21.71 -35.31
N ILE B 167 -13.49 20.43 -35.34
CA ILE B 167 -12.82 19.42 -34.54
C ILE B 167 -12.98 18.07 -35.22
N VAL B 168 -11.92 17.27 -35.23
CA VAL B 168 -11.93 15.94 -35.82
C VAL B 168 -12.01 14.92 -34.70
N THR B 169 -12.69 13.81 -34.96
CA THR B 169 -12.90 12.76 -33.97
C THR B 169 -12.65 11.39 -34.59
N SER B 170 -12.24 10.44 -33.75
CA SER B 170 -12.08 9.05 -34.14
C SER B 170 -12.82 8.19 -33.12
N SER B 171 -13.57 7.21 -33.63
CA SER B 171 -14.42 6.39 -32.77
C SER B 171 -14.19 4.91 -33.07
N GLY B 172 -14.70 4.07 -32.17
CA GLY B 172 -14.62 2.63 -32.32
C GLY B 172 -15.48 2.06 -33.42
N ASP B 173 -16.25 2.88 -34.12
CA ASP B 173 -17.08 2.42 -35.23
C ASP B 173 -16.33 2.35 -36.55
N THR B 174 -15.00 2.31 -36.50
CA THR B 174 -14.11 2.23 -37.66
C THR B 174 -14.27 3.43 -38.61
N THR B 175 -14.75 4.56 -38.10
CA THR B 175 -14.88 5.78 -38.90
C THR B 175 -14.27 6.97 -38.16
N CYS B 176 -13.95 8.00 -38.93
CA CYS B 176 -13.56 9.30 -38.41
C CYS B 176 -14.51 10.36 -38.96
N ALA B 177 -14.64 11.46 -38.23
CA ALA B 177 -15.61 12.49 -38.59
C ALA B 177 -15.03 13.87 -38.34
N LEU B 178 -15.36 14.80 -39.23
CA LEU B 178 -15.04 16.21 -39.07
C LEU B 178 -16.32 16.94 -38.66
N TRP B 179 -16.28 17.65 -37.55
CA TRP B 179 -17.47 18.23 -36.94
C TRP B 179 -17.47 19.75 -37.08
N ASP B 180 -18.67 20.30 -37.17
CA ASP B 180 -18.91 21.74 -37.08
C ASP B 180 -19.50 22.02 -35.71
N ILE B 181 -18.74 22.71 -34.86
CA ILE B 181 -19.11 22.84 -33.45
C ILE B 181 -20.38 23.66 -33.29
N GLU B 182 -20.49 24.78 -34.02
CA GLU B 182 -21.64 25.67 -33.84
C GLU B 182 -22.94 24.98 -34.20
N THR B 183 -22.96 24.24 -35.31
CA THR B 183 -24.18 23.57 -35.76
C THR B 183 -24.29 22.15 -35.24
N GLY B 184 -23.21 21.56 -34.74
CA GLY B 184 -23.25 20.20 -34.24
C GLY B 184 -23.46 19.16 -35.31
N GLN B 185 -23.04 19.44 -36.55
CA GLN B 185 -23.23 18.53 -37.67
C GLN B 185 -21.90 17.96 -38.11
N GLN B 186 -21.95 16.76 -38.71
CA GLN B 186 -20.77 16.11 -39.25
C GLN B 186 -20.54 16.63 -40.67
N THR B 187 -19.48 17.42 -40.85
CA THR B 187 -19.17 17.96 -42.16
C THR B 187 -18.64 16.87 -43.11
N THR B 188 -17.69 16.07 -42.62
CA THR B 188 -17.08 15.03 -43.42
C THR B 188 -16.94 13.77 -42.58
N THR B 189 -17.19 12.62 -43.20
CA THR B 189 -17.05 11.32 -42.56
C THR B 189 -15.99 10.52 -43.31
N PHE B 190 -15.04 9.97 -42.55
CA PHE B 190 -13.89 9.25 -43.10
C PHE B 190 -14.09 7.75 -42.85
N THR B 191 -14.38 7.01 -43.91
CA THR B 191 -14.59 5.58 -43.82
C THR B 191 -13.50 4.83 -44.58
N GLY B 192 -13.31 3.56 -44.23
CA GLY B 192 -12.30 2.74 -44.87
C GLY B 192 -11.59 1.80 -43.92
N HIS B 193 -11.55 2.14 -42.64
CA HIS B 193 -10.92 1.26 -41.66
C HIS B 193 -11.81 0.05 -41.36
N THR B 194 -11.18 -1.07 -41.05
CA THR B 194 -11.87 -2.30 -40.71
C THR B 194 -11.79 -2.64 -39.23
N GLY B 195 -11.19 -1.77 -38.42
CA GLY B 195 -11.10 -2.01 -36.99
C GLY B 195 -11.32 -0.73 -36.21
N ASP B 196 -11.40 -0.88 -34.89
CA ASP B 196 -11.62 0.26 -34.00
C ASP B 196 -10.50 1.27 -34.13
N VAL B 197 -10.82 2.46 -34.62
CA VAL B 197 -9.83 3.53 -34.72
C VAL B 197 -9.44 3.98 -33.31
N MET B 198 -8.16 3.83 -32.98
CA MET B 198 -7.70 4.08 -31.61
C MET B 198 -7.15 5.48 -31.40
N SER B 199 -6.53 6.08 -32.42
CA SER B 199 -5.93 7.39 -32.24
C SER B 199 -5.77 8.06 -33.59
N LEU B 200 -5.62 9.39 -33.55
CA LEU B 200 -5.34 10.18 -34.73
C LEU B 200 -4.29 11.22 -34.39
N SER B 201 -3.64 11.76 -35.42
CA SER B 201 -2.63 12.78 -35.27
C SER B 201 -2.78 13.80 -36.39
N LEU B 202 -3.00 15.06 -36.02
CA LEU B 202 -3.14 16.12 -37.00
C LEU B 202 -1.79 16.54 -37.54
N ALA B 203 -1.72 16.77 -38.85
CA ALA B 203 -0.50 17.28 -39.46
C ALA B 203 -0.26 18.72 -39.03
N PRO B 204 0.99 19.19 -39.11
CA PRO B 204 1.27 20.59 -38.75
C PRO B 204 0.46 21.60 -39.54
N ASP B 205 -0.03 21.24 -40.73
CA ASP B 205 -0.89 22.10 -41.51
C ASP B 205 -2.38 21.88 -41.24
N THR B 206 -2.72 20.85 -40.44
CA THR B 206 -4.11 20.48 -40.11
C THR B 206 -4.96 20.20 -41.35
N ARG B 207 -4.32 20.01 -42.51
CA ARG B 207 -5.04 19.63 -43.72
C ARG B 207 -5.04 18.13 -43.94
N LEU B 208 -4.15 17.40 -43.27
CA LEU B 208 -4.09 15.95 -43.34
C LEU B 208 -4.02 15.41 -41.92
N PHE B 209 -4.43 14.15 -41.76
CA PHE B 209 -4.28 13.49 -40.47
C PHE B 209 -4.27 11.99 -40.68
N VAL B 210 -3.47 11.30 -39.88
CA VAL B 210 -3.35 9.85 -39.92
C VAL B 210 -4.22 9.26 -38.82
N SER B 211 -4.56 7.98 -38.99
CA SER B 211 -5.39 7.27 -38.03
C SER B 211 -4.80 5.89 -37.78
N GLY B 212 -4.92 5.45 -36.53
CA GLY B 212 -4.47 4.11 -36.16
C GLY B 212 -5.61 3.26 -35.65
N ALA B 213 -5.93 2.19 -36.37
CA ALA B 213 -7.05 1.34 -36.05
C ALA B 213 -6.58 -0.02 -35.55
N CYS B 214 -7.53 -0.88 -35.24
CA CYS B 214 -7.28 -2.22 -34.72
C CYS B 214 -7.05 -3.25 -35.82
N ASP B 215 -6.68 -2.82 -37.02
CA ASP B 215 -6.44 -3.72 -38.14
C ASP B 215 -4.98 -3.75 -38.56
N ALA B 216 -4.07 -3.33 -37.67
CA ALA B 216 -2.65 -3.24 -37.97
C ALA B 216 -2.39 -2.37 -39.20
N SER B 217 -3.18 -1.31 -39.35
CA SER B 217 -3.14 -0.45 -40.52
C SER B 217 -3.22 1.00 -40.10
N ALA B 218 -2.66 1.87 -40.94
CA ALA B 218 -2.69 3.31 -40.73
C ALA B 218 -3.02 3.98 -42.05
N LYS B 219 -3.97 4.91 -42.02
CA LYS B 219 -4.47 5.58 -43.22
C LYS B 219 -4.25 7.08 -43.12
N LEU B 220 -3.92 7.69 -44.26
CA LEU B 220 -3.71 9.13 -44.35
C LEU B 220 -4.94 9.77 -44.98
N TRP B 221 -5.62 10.62 -44.22
CA TRP B 221 -6.87 11.25 -44.65
C TRP B 221 -6.65 12.69 -45.08
N ASP B 222 -7.51 13.15 -45.99
CA ASP B 222 -7.56 14.54 -46.40
C ASP B 222 -8.82 15.16 -45.82
N VAL B 223 -8.65 16.21 -45.01
CA VAL B 223 -9.78 16.76 -44.26
C VAL B 223 -10.72 17.55 -45.19
N ARG B 224 -10.17 18.22 -46.20
CA ARG B 224 -11.02 18.97 -47.12
C ARG B 224 -11.61 18.09 -48.20
N GLU B 225 -10.92 17.02 -48.59
CA GLU B 225 -11.37 16.16 -49.68
C GLU B 225 -12.11 14.92 -49.21
N GLY B 226 -11.74 14.39 -48.04
CA GLY B 226 -12.50 13.30 -47.45
C GLY B 226 -12.22 11.93 -48.00
N MET B 227 -11.07 11.72 -48.64
CA MET B 227 -10.72 10.43 -49.21
C MET B 227 -9.49 9.87 -48.51
N CYS B 228 -9.36 8.55 -48.54
CA CYS B 228 -8.18 7.88 -48.01
C CYS B 228 -7.08 7.92 -49.06
N ARG B 229 -5.98 8.61 -48.74
CA ARG B 229 -4.88 8.78 -49.68
C ARG B 229 -3.94 7.58 -49.68
N GLN B 230 -3.38 7.24 -48.52
CA GLN B 230 -2.43 6.15 -48.40
C GLN B 230 -2.84 5.23 -47.26
N THR B 231 -2.38 3.98 -47.35
CA THR B 231 -2.59 2.99 -46.31
C THR B 231 -1.26 2.32 -46.00
N PHE B 232 -0.93 2.22 -44.72
CA PHE B 232 0.38 1.73 -44.28
C PHE B 232 0.19 0.44 -43.50
N THR B 233 0.84 -0.63 -43.94
CA THR B 233 0.86 -1.90 -43.26
C THR B 233 2.27 -2.22 -42.79
N GLY B 234 2.41 -3.33 -42.08
CA GLY B 234 3.70 -3.72 -41.54
C GLY B 234 3.61 -4.15 -40.09
N HIS B 235 2.69 -3.54 -39.35
CA HIS B 235 2.46 -3.95 -37.97
C HIS B 235 1.74 -5.29 -37.93
N GLU B 236 1.94 -6.01 -36.84
CA GLU B 236 1.34 -7.33 -36.67
C GLU B 236 0.12 -7.33 -35.77
N SER B 237 -0.09 -6.28 -34.98
CA SER B 237 -1.22 -6.24 -34.05
C SER B 237 -1.93 -4.90 -34.10
N ASP B 238 -2.86 -4.68 -33.17
CA ASP B 238 -3.64 -3.45 -33.16
C ASP B 238 -2.76 -2.23 -32.89
N ILE B 239 -2.94 -1.21 -33.71
CA ILE B 239 -2.23 0.06 -33.53
C ILE B 239 -2.95 0.87 -32.46
N ASN B 240 -2.25 1.16 -31.36
CA ASN B 240 -2.86 1.85 -30.22
C ASN B 240 -2.54 3.33 -30.16
N ALA B 241 -1.50 3.78 -30.86
CA ALA B 241 -1.10 5.19 -30.78
C ALA B 241 -0.42 5.58 -32.08
N ILE B 242 -0.61 6.84 -32.47
CA ILE B 242 -0.01 7.40 -33.68
C ILE B 242 0.37 8.84 -33.40
N CYS B 243 1.46 9.30 -34.03
CA CYS B 243 1.94 10.66 -33.84
C CYS B 243 2.71 11.10 -35.08
N PHE B 244 2.39 12.28 -35.57
CA PHE B 244 3.06 12.81 -36.76
C PHE B 244 4.46 13.30 -36.42
N PHE B 245 5.35 13.20 -37.41
CA PHE B 245 6.66 13.81 -37.29
C PHE B 245 6.53 15.33 -37.32
N PRO B 246 7.41 16.05 -36.62
CA PRO B 246 7.33 17.52 -36.63
C PRO B 246 7.40 18.15 -38.01
N ASN B 247 7.92 17.43 -39.01
CA ASN B 247 7.99 17.95 -40.37
C ASN B 247 6.73 17.64 -41.18
N GLY B 248 5.86 16.77 -40.67
CA GLY B 248 4.62 16.44 -41.36
C GLY B 248 4.75 15.47 -42.51
N ASN B 249 5.95 14.94 -42.77
CA ASN B 249 6.17 13.99 -43.85
C ASN B 249 6.40 12.57 -43.35
N ALA B 250 6.15 12.31 -42.07
CA ALA B 250 6.35 10.97 -41.51
C ALA B 250 5.55 10.88 -40.22
N PHE B 251 5.43 9.66 -39.72
CA PHE B 251 4.71 9.43 -38.47
C PHE B 251 5.13 8.09 -37.89
N ALA B 252 4.98 7.96 -36.58
CA ALA B 252 5.29 6.73 -35.86
C ALA B 252 4.01 6.11 -35.31
N THR B 253 4.04 4.79 -35.14
CA THR B 253 2.88 4.03 -34.69
C THR B 253 3.27 3.10 -33.55
N GLY B 254 2.38 2.97 -32.58
CA GLY B 254 2.57 2.02 -31.50
C GLY B 254 1.54 0.92 -31.53
N SER B 255 1.99 -0.34 -31.50
CA SER B 255 1.11 -1.48 -31.65
C SER B 255 1.18 -2.38 -30.43
N ASP B 256 0.31 -3.41 -30.44
CA ASP B 256 0.27 -4.41 -29.39
C ASP B 256 1.33 -5.48 -29.55
N ASP B 257 2.08 -5.46 -30.65
CA ASP B 257 3.13 -6.45 -30.90
C ASP B 257 4.47 -6.08 -30.26
N ALA B 258 4.45 -5.16 -29.29
CA ALA B 258 5.67 -4.73 -28.58
C ALA B 258 6.70 -4.19 -29.56
N THR B 259 6.25 -3.34 -30.48
CA THR B 259 7.13 -2.80 -31.50
C THR B 259 6.56 -1.48 -32.01
N CYS B 260 7.41 -0.45 -32.08
CA CYS B 260 7.08 0.80 -32.72
C CYS B 260 7.66 0.82 -34.13
N ARG B 261 6.92 1.41 -35.06
CA ARG B 261 7.36 1.50 -36.45
C ARG B 261 7.16 2.92 -36.96
N LEU B 262 8.09 3.37 -37.80
CA LEU B 262 8.08 4.70 -38.37
C LEU B 262 7.78 4.60 -39.85
N PHE B 263 6.75 5.32 -40.30
CA PHE B 263 6.34 5.33 -41.70
C PHE B 263 6.61 6.71 -42.30
N ASP B 264 6.80 6.73 -43.62
CA ASP B 264 7.00 7.97 -44.36
C ASP B 264 5.89 8.12 -45.40
N LEU B 265 5.42 9.36 -45.57
CA LEU B 265 4.30 9.60 -46.48
C LEU B 265 4.74 9.51 -47.93
N ARG B 266 5.70 10.35 -48.34
CA ARG B 266 6.14 10.37 -49.72
C ARG B 266 6.86 9.09 -50.13
N ALA B 267 7.35 8.32 -49.17
CA ALA B 267 7.97 7.03 -49.48
C ALA B 267 6.96 5.89 -49.52
N ASP B 268 5.87 6.00 -48.78
CA ASP B 268 4.81 4.99 -48.75
C ASP B 268 5.37 3.62 -48.36
N GLN B 269 6.13 3.60 -47.26
CA GLN B 269 6.79 2.37 -46.82
C GLN B 269 7.29 2.58 -45.39
N GLU B 270 7.34 1.49 -44.64
CA GLU B 270 7.91 1.53 -43.30
C GLU B 270 9.41 1.76 -43.37
N LEU B 271 9.92 2.62 -42.48
CA LEU B 271 11.33 2.99 -42.48
C LEU B 271 12.12 2.31 -41.36
N MET B 272 11.66 2.42 -40.12
CA MET B 272 12.38 1.88 -38.97
C MET B 272 11.47 0.98 -38.16
N THR B 273 12.07 -0.03 -37.53
CA THR B 273 11.37 -0.96 -36.65
C THR B 273 12.04 -0.90 -35.28
N TYR B 274 11.33 -0.31 -34.31
CA TYR B 274 11.85 -0.18 -32.96
C TYR B 274 11.36 -1.37 -32.13
N SER B 275 12.27 -2.30 -31.83
CA SER B 275 11.89 -3.49 -31.08
C SER B 275 13.13 -4.07 -30.41
N HIS B 276 12.92 -4.74 -29.28
CA HIS B 276 13.97 -5.44 -28.57
C HIS B 276 13.42 -6.76 -28.05
N ASP B 277 14.32 -7.71 -27.79
CA ASP B 277 13.90 -9.05 -27.39
C ASP B 277 13.23 -9.06 -26.03
N ASN B 278 13.71 -8.24 -25.09
CA ASN B 278 13.17 -8.25 -23.74
C ASN B 278 11.84 -7.52 -23.61
N ILE B 279 11.42 -6.78 -24.63
CA ILE B 279 10.16 -6.04 -24.61
C ILE B 279 9.09 -6.91 -25.25
N ILE B 280 8.12 -7.35 -24.44
CA ILE B 280 7.05 -8.20 -24.93
C ILE B 280 5.69 -7.59 -24.54
N CYS B 281 5.68 -6.29 -24.29
CA CYS B 281 4.47 -5.58 -23.88
C CYS B 281 4.12 -4.52 -24.91
N GLY B 282 2.82 -4.35 -25.16
CA GLY B 282 2.38 -3.44 -26.19
C GLY B 282 2.62 -1.98 -25.83
N ILE B 283 2.58 -1.14 -26.88
CA ILE B 283 2.77 0.29 -26.74
C ILE B 283 1.41 0.97 -26.63
N THR B 284 1.26 1.87 -25.66
CA THR B 284 0.01 2.57 -25.43
C THR B 284 0.02 3.99 -25.98
N SER B 285 1.12 4.71 -25.83
CA SER B 285 1.21 6.09 -26.29
C SER B 285 2.52 6.28 -27.03
N VAL B 286 2.55 7.30 -27.89
CA VAL B 286 3.74 7.62 -28.67
C VAL B 286 3.73 9.11 -28.96
N SER B 287 4.93 9.69 -28.99
CA SER B 287 5.07 11.12 -29.25
C SER B 287 6.54 11.41 -29.58
N PHE B 288 6.75 12.33 -30.52
CA PHE B 288 8.09 12.72 -30.91
C PHE B 288 8.56 13.90 -30.06
N SER B 289 9.84 14.22 -30.20
CA SER B 289 10.41 15.41 -29.58
C SER B 289 10.12 16.61 -30.48
N LYS B 290 10.71 17.77 -30.14
CA LYS B 290 10.51 18.95 -30.97
C LYS B 290 11.19 18.78 -32.32
N SER B 291 12.35 18.13 -32.35
CA SER B 291 13.09 17.90 -33.57
C SER B 291 12.84 16.53 -34.18
N GLY B 292 12.27 15.59 -33.41
CA GLY B 292 12.06 14.25 -33.88
C GLY B 292 13.23 13.31 -33.72
N ARG B 293 14.30 13.74 -33.03
CA ARG B 293 15.44 12.86 -32.82
C ARG B 293 15.11 11.71 -31.88
N LEU B 294 14.40 12.01 -30.80
CA LEU B 294 13.96 10.99 -29.86
C LEU B 294 12.50 10.63 -30.11
N LEU B 295 12.16 9.37 -29.88
CA LEU B 295 10.80 8.88 -30.04
C LEU B 295 10.33 8.34 -28.69
N LEU B 296 9.53 9.13 -27.99
CA LEU B 296 9.00 8.75 -26.69
C LEU B 296 7.79 7.85 -26.89
N ALA B 297 7.76 6.73 -26.17
CA ALA B 297 6.68 5.76 -26.32
C ALA B 297 6.33 5.17 -24.96
N GLY B 298 5.04 5.18 -24.63
CA GLY B 298 4.57 4.54 -23.43
C GLY B 298 4.26 3.07 -23.67
N TYR B 299 4.52 2.25 -22.66
CA TYR B 299 4.41 0.80 -22.80
C TYR B 299 3.44 0.24 -21.75
N ASP B 300 3.00 -1.00 -22.00
CA ASP B 300 2.08 -1.66 -21.08
C ASP B 300 2.74 -1.92 -19.73
N ASP B 301 4.02 -2.26 -19.72
CA ASP B 301 4.74 -2.38 -18.47
C ASP B 301 4.96 -1.00 -17.87
N PHE B 302 5.23 -0.96 -16.57
CA PHE B 302 5.30 0.29 -15.82
C PHE B 302 6.60 1.02 -16.14
N ASN B 303 6.76 1.39 -17.42
CA ASN B 303 8.02 1.94 -17.91
C ASN B 303 7.73 2.76 -19.16
N CYS B 304 8.66 3.68 -19.46
CA CYS B 304 8.63 4.46 -20.67
C CYS B 304 10.02 4.46 -21.29
N ASN B 305 10.12 4.05 -22.55
CA ASN B 305 11.39 3.88 -23.23
C ASN B 305 11.61 5.01 -24.21
N VAL B 306 12.82 5.57 -24.20
CA VAL B 306 13.23 6.62 -25.14
C VAL B 306 13.98 5.95 -26.28
N TRP B 307 13.48 6.11 -27.50
CA TRP B 307 14.05 5.49 -28.68
C TRP B 307 14.72 6.55 -29.55
N ASP B 308 15.87 6.19 -30.12
CA ASP B 308 16.55 7.04 -31.08
C ASP B 308 15.94 6.79 -32.46
N ALA B 309 15.27 7.80 -33.01
CA ALA B 309 14.49 7.62 -34.24
C ALA B 309 15.35 7.28 -35.44
N LEU B 310 16.65 7.57 -35.40
CA LEU B 310 17.53 7.34 -36.53
C LEU B 310 18.44 6.13 -36.36
N LYS B 311 18.52 5.55 -35.17
CA LYS B 311 19.34 4.38 -34.92
C LYS B 311 18.59 3.22 -34.26
N ALA B 312 17.33 3.42 -33.86
CA ALA B 312 16.49 2.38 -33.28
C ALA B 312 17.08 1.79 -32.01
N ASP B 313 17.95 2.51 -31.32
CA ASP B 313 18.54 2.06 -30.07
C ASP B 313 17.89 2.78 -28.90
N ARG B 314 17.54 2.03 -27.86
CA ARG B 314 16.93 2.61 -26.68
C ARG B 314 17.90 3.58 -26.01
N ALA B 315 17.51 4.85 -25.93
CA ALA B 315 18.39 5.89 -25.43
C ALA B 315 18.20 6.19 -23.95
N GLY B 316 17.07 5.79 -23.36
CA GLY B 316 16.82 6.08 -21.97
C GLY B 316 15.52 5.46 -21.53
N VAL B 317 15.35 5.39 -20.20
CA VAL B 317 14.17 4.80 -19.58
C VAL B 317 13.63 5.76 -18.52
N LEU B 318 12.31 5.86 -18.44
CA LEU B 318 11.61 6.62 -17.41
C LEU B 318 10.80 5.61 -16.58
N ALA B 319 11.17 5.46 -15.31
CA ALA B 319 10.59 4.41 -14.47
C ALA B 319 10.00 4.98 -13.19
N GLY B 320 9.21 6.04 -13.30
CA GLY B 320 8.62 6.67 -12.13
C GLY B 320 7.20 6.21 -11.84
N HIS B 321 6.46 5.85 -12.87
CA HIS B 321 5.07 5.46 -12.70
C HIS B 321 4.96 4.06 -12.12
N ASP B 322 3.86 3.81 -11.41
CA ASP B 322 3.59 2.53 -10.78
C ASP B 322 2.60 1.69 -11.58
N ASN B 323 1.96 2.27 -12.60
CA ASN B 323 1.03 1.53 -13.45
C ASN B 323 1.38 1.82 -14.90
N ARG B 324 0.58 1.25 -15.81
CA ARG B 324 0.87 1.39 -17.23
C ARG B 324 0.74 2.84 -17.68
N VAL B 325 1.70 3.29 -18.49
CA VAL B 325 1.65 4.63 -19.06
C VAL B 325 0.54 4.65 -20.10
N SER B 326 -0.53 5.40 -19.83
CA SER B 326 -1.69 5.42 -20.71
C SER B 326 -1.61 6.51 -21.77
N CYS B 327 -0.94 7.62 -21.48
CA CYS B 327 -0.85 8.72 -22.43
C CYS B 327 0.50 9.41 -22.27
N LEU B 328 0.96 10.02 -23.36
CA LEU B 328 2.23 10.72 -23.41
C LEU B 328 2.05 12.03 -24.16
N GLY B 329 2.65 13.09 -23.65
CA GLY B 329 2.54 14.38 -24.29
C GLY B 329 3.77 15.25 -24.14
N VAL B 330 4.26 15.79 -25.25
CA VAL B 330 5.40 16.70 -25.27
C VAL B 330 4.88 18.10 -25.58
N THR B 331 5.39 19.09 -24.86
CA THR B 331 4.96 20.47 -25.07
C THR B 331 5.36 20.96 -26.46
N ASP B 332 4.70 22.04 -26.89
CA ASP B 332 4.97 22.58 -28.22
C ASP B 332 6.40 23.09 -28.33
N ASP B 333 6.93 23.68 -27.26
CA ASP B 333 8.31 24.16 -27.25
C ASP B 333 9.30 23.06 -26.87
N GLY B 334 8.84 21.83 -26.67
CA GLY B 334 9.74 20.74 -26.36
C GLY B 334 10.45 20.86 -25.03
N MET B 335 9.90 21.61 -24.09
CA MET B 335 10.58 21.83 -22.82
C MET B 335 10.42 20.63 -21.88
N ALA B 336 9.23 20.06 -21.81
CA ALA B 336 8.95 18.99 -20.86
C ALA B 336 8.11 17.90 -21.52
N VAL B 337 8.02 16.77 -20.83
CA VAL B 337 7.23 15.62 -21.26
C VAL B 337 6.30 15.23 -20.13
N ALA B 338 5.00 15.17 -20.40
CA ALA B 338 4.01 14.75 -19.43
C ALA B 338 3.58 13.32 -19.73
N THR B 339 3.61 12.46 -18.71
CA THR B 339 3.23 11.07 -18.84
C THR B 339 2.10 10.77 -17.87
N GLY B 340 0.96 10.33 -18.41
CA GLY B 340 -0.17 9.92 -17.60
C GLY B 340 -0.23 8.40 -17.52
N SER B 341 -0.56 7.90 -16.32
CA SER B 341 -0.59 6.48 -16.07
C SER B 341 -1.87 6.12 -15.33
N TRP B 342 -2.08 4.81 -15.16
CA TRP B 342 -3.26 4.30 -14.47
C TRP B 342 -3.16 4.41 -12.95
N ASP B 343 -2.08 5.00 -12.43
CA ASP B 343 -1.94 5.23 -11.00
C ASP B 343 -2.51 6.58 -10.57
N SER B 344 -3.32 7.21 -11.40
CA SER B 344 -3.97 8.49 -11.10
C SER B 344 -2.96 9.60 -10.83
N PHE B 345 -1.79 9.52 -11.47
CA PHE B 345 -0.74 10.51 -11.30
C PHE B 345 -0.19 10.93 -12.65
N LEU B 346 0.18 12.21 -12.76
CA LEU B 346 0.86 12.74 -13.93
C LEU B 346 2.26 13.17 -13.52
N LYS B 347 3.25 12.74 -14.31
CA LYS B 347 4.65 13.09 -14.06
C LYS B 347 5.18 13.90 -15.22
N ILE B 348 5.77 15.05 -14.91
CA ILE B 348 6.40 15.93 -15.90
C ILE B 348 7.89 15.68 -15.86
N TRP B 349 8.44 15.19 -16.96
CA TRP B 349 9.85 14.83 -17.05
C TRP B 349 10.61 15.90 -17.85
N ASN B 350 11.88 16.06 -17.50
CA ASN B 350 12.73 17.03 -18.18
C ASN B 350 14.20 16.58 -18.14
N LYS C 14 -15.68 0.81 -53.24
CA LYS C 14 -15.13 -0.51 -53.49
C LYS C 14 -13.71 -0.61 -52.94
N LEU C 15 -13.41 -1.74 -52.30
CA LEU C 15 -12.06 -1.96 -51.79
C LEU C 15 -11.04 -2.05 -52.92
N VAL C 16 -11.47 -2.49 -54.10
CA VAL C 16 -10.57 -2.55 -55.25
C VAL C 16 -10.28 -1.14 -55.77
N GLU C 17 -11.31 -0.28 -55.80
CA GLU C 17 -11.11 1.10 -56.23
C GLU C 17 -10.17 1.86 -55.30
N GLN C 18 -10.18 1.53 -54.00
CA GLN C 18 -9.21 2.13 -53.08
C GLN C 18 -7.79 1.73 -53.46
N LEU C 19 -7.58 0.47 -53.81
CA LEU C 19 -6.25 0.04 -54.24
C LEU C 19 -5.85 0.69 -55.55
N LYS C 20 -6.82 0.91 -56.45
CA LYS C 20 -6.52 1.59 -57.71
C LYS C 20 -6.15 3.04 -57.46
N MET C 21 -6.83 3.70 -56.53
CA MET C 21 -6.49 5.09 -56.19
C MET C 21 -5.15 5.18 -55.48
N GLU C 22 -4.78 4.12 -54.74
CA GLU C 22 -3.51 4.12 -54.03
C GLU C 22 -2.33 3.76 -54.93
N ALA C 23 -2.54 2.96 -55.96
CA ALA C 23 -1.46 2.50 -56.83
C ALA C 23 -1.14 3.47 -57.95
N ASN C 24 -1.69 4.68 -57.91
CA ASN C 24 -1.48 5.69 -58.94
C ASN C 24 -0.88 6.96 -58.34
N ILE C 25 0.05 6.80 -57.40
CA ILE C 25 0.72 7.92 -56.76
C ILE C 25 2.18 7.94 -57.19
N ASP C 26 2.76 9.14 -57.21
CA ASP C 26 4.16 9.33 -57.60
C ASP C 26 5.00 9.22 -56.33
N ARG C 27 5.56 8.04 -56.12
CA ARG C 27 6.37 7.76 -54.94
C ARG C 27 7.79 8.28 -55.12
N ILE C 28 8.50 8.43 -54.00
CA ILE C 28 9.95 8.63 -54.01
C ILE C 28 10.55 7.44 -53.29
N LYS C 29 11.87 7.25 -53.43
CA LYS C 29 12.53 6.09 -52.86
C LYS C 29 12.99 6.36 -51.43
N VAL C 30 13.27 5.27 -50.70
CA VAL C 30 13.51 5.33 -49.27
C VAL C 30 14.74 6.17 -48.93
N SER C 31 15.72 6.21 -49.84
CA SER C 31 16.96 6.94 -49.56
C SER C 31 16.69 8.43 -49.36
N LYS C 32 15.87 9.03 -50.23
CA LYS C 32 15.59 10.45 -50.11
C LYS C 32 14.76 10.76 -48.86
N ALA C 33 13.82 9.88 -48.51
CA ALA C 33 13.04 10.10 -47.30
C ALA C 33 13.91 9.98 -46.06
N ALA C 34 14.85 9.03 -46.06
CA ALA C 34 15.78 8.90 -44.95
C ALA C 34 16.67 10.14 -44.84
N ALA C 35 17.15 10.64 -45.98
CA ALA C 35 17.92 11.88 -45.96
C ALA C 35 17.08 13.05 -45.43
N ASP C 36 15.80 13.09 -45.81
CA ASP C 36 14.92 14.15 -45.32
C ASP C 36 14.79 14.11 -43.80
N LEU C 37 14.49 12.91 -43.26
CA LEU C 37 14.31 12.79 -41.81
C LEU C 37 15.61 13.09 -41.07
N MET C 38 16.74 12.60 -41.60
CA MET C 38 18.02 12.87 -40.96
C MET C 38 18.35 14.36 -40.97
N ALA C 39 18.08 15.04 -42.09
CA ALA C 39 18.36 16.46 -42.17
C ALA C 39 17.45 17.26 -41.25
N TYR C 40 16.18 16.85 -41.11
CA TYR C 40 15.29 17.56 -40.20
C TYR C 40 15.70 17.33 -38.75
N CYS C 41 16.19 16.13 -38.43
CA CYS C 41 16.65 15.86 -37.07
C CYS C 41 17.97 16.56 -36.74
N GLU C 42 18.84 16.76 -37.73
CA GLU C 42 20.13 17.40 -37.50
C GLU C 42 20.08 18.91 -37.63
N ALA C 43 19.04 19.45 -38.28
CA ALA C 43 18.90 20.89 -38.43
C ALA C 43 18.02 21.51 -37.35
N HIS C 44 17.51 20.71 -36.40
CA HIS C 44 16.66 21.20 -35.33
C HIS C 44 17.06 20.63 -33.98
N ALA C 45 18.24 20.03 -33.87
CA ALA C 45 18.64 19.37 -32.64
C ALA C 45 18.96 20.37 -31.53
N LYS C 46 19.56 21.51 -31.89
CA LYS C 46 19.95 22.49 -30.88
C LYS C 46 18.75 23.26 -30.33
N GLU C 47 17.68 23.38 -31.11
CA GLU C 47 16.45 24.00 -30.65
C GLU C 47 15.51 23.00 -29.98
N ASP C 48 16.04 21.88 -29.51
CA ASP C 48 15.25 20.86 -28.82
C ASP C 48 15.83 20.67 -27.42
N PRO C 49 15.24 21.28 -26.39
CA PRO C 49 15.78 21.19 -25.03
C PRO C 49 15.46 19.87 -24.33
N LEU C 50 15.67 18.76 -25.04
CA LEU C 50 15.53 17.44 -24.46
C LEU C 50 16.74 16.60 -24.82
N LEU C 51 17.35 16.88 -25.97
CA LEU C 51 18.63 16.28 -26.32
C LEU C 51 19.75 16.86 -25.46
N THR C 52 19.59 18.10 -25.01
CA THR C 52 20.57 18.78 -24.18
C THR C 52 19.96 19.11 -22.82
N PRO C 53 20.66 18.84 -21.73
CA PRO C 53 20.14 19.24 -20.41
C PRO C 53 20.12 20.76 -20.28
N VAL C 54 18.97 21.27 -19.84
CA VAL C 54 18.78 22.71 -19.70
C VAL C 54 19.22 23.14 -18.30
N PRO C 55 20.04 24.18 -18.18
CA PRO C 55 20.47 24.62 -16.85
C PRO C 55 19.31 25.18 -16.05
N ALA C 56 19.59 25.45 -14.77
CA ALA C 56 18.56 25.97 -13.88
C ALA C 56 18.43 27.48 -13.99
N SER C 57 18.30 27.97 -15.23
CA SER C 57 17.98 29.37 -15.48
C SER C 57 16.96 29.55 -16.60
N GLU C 58 16.71 28.53 -17.42
CA GLU C 58 15.70 28.60 -18.46
C GLU C 58 14.65 27.49 -18.35
N ASN C 59 14.77 26.60 -17.37
CA ASN C 59 13.83 25.50 -17.19
C ASN C 59 12.75 25.92 -16.21
N PRO C 60 11.52 26.17 -16.65
CA PRO C 60 10.43 26.56 -15.75
C PRO C 60 9.73 25.37 -15.08
N PHE C 61 10.53 24.43 -14.56
CA PHE C 61 9.97 23.26 -13.90
C PHE C 61 10.72 22.88 -12.62
N ARG C 62 11.74 23.64 -12.23
CA ARG C 62 12.45 23.39 -10.98
C ARG C 62 12.89 24.70 -10.34
N GLN D 1 2.29 -7.55 -43.26
CA GLN D 1 0.96 -7.72 -43.82
C GLN D 1 0.40 -9.10 -43.50
N VAL D 2 -0.60 -9.15 -42.63
CA VAL D 2 -1.23 -10.42 -42.25
C VAL D 2 -2.21 -10.82 -43.35
N GLN D 3 -2.00 -12.00 -43.92
CA GLN D 3 -2.88 -12.54 -44.96
C GLN D 3 -3.65 -13.76 -44.48
N LEU D 4 -2.95 -14.78 -43.98
CA LEU D 4 -3.56 -15.99 -43.44
C LEU D 4 -4.51 -16.64 -44.45
N GLN D 5 -3.96 -16.96 -45.63
CA GLN D 5 -4.75 -17.53 -46.72
C GLN D 5 -4.81 -19.05 -46.56
N GLU D 6 -6.01 -19.61 -46.62
CA GLU D 6 -6.23 -21.02 -46.34
C GLU D 6 -6.37 -21.84 -47.62
N SER D 7 -5.97 -23.10 -47.55
CA SER D 7 -6.05 -24.00 -48.69
C SER D 7 -6.86 -25.24 -48.31
N GLY D 8 -7.23 -26.01 -49.33
CA GLY D 8 -8.02 -27.20 -49.12
C GLY D 8 -9.51 -26.93 -49.21
N GLY D 9 -10.29 -27.89 -48.71
CA GLY D 9 -11.73 -27.77 -48.69
C GLY D 9 -12.39 -28.14 -50.01
N GLY D 10 -13.54 -28.79 -49.93
CA GLY D 10 -14.25 -29.18 -51.13
C GLY D 10 -15.38 -30.13 -50.79
N LEU D 11 -16.11 -30.51 -51.84
CA LEU D 11 -17.21 -31.45 -51.70
C LEU D 11 -16.66 -32.85 -51.40
N VAL D 12 -17.12 -33.44 -50.31
CA VAL D 12 -16.64 -34.75 -49.87
C VAL D 12 -17.83 -35.61 -49.50
N GLN D 13 -17.59 -36.92 -49.48
CA GLN D 13 -18.64 -37.87 -49.12
C GLN D 13 -18.93 -37.78 -47.61
N PRO D 14 -20.16 -38.08 -47.20
CA PRO D 14 -20.46 -38.13 -45.77
C PRO D 14 -19.63 -39.20 -45.08
N GLY D 15 -19.00 -38.82 -43.97
CA GLY D 15 -18.08 -39.71 -43.29
C GLY D 15 -16.71 -39.80 -43.93
N GLY D 16 -16.38 -38.88 -44.82
CA GLY D 16 -15.09 -38.87 -45.48
C GLY D 16 -14.00 -38.27 -44.62
N SER D 17 -12.92 -37.85 -45.28
CA SER D 17 -11.77 -37.30 -44.57
C SER D 17 -10.98 -36.40 -45.50
N LEU D 18 -10.74 -35.16 -45.09
CA LEU D 18 -9.87 -34.23 -45.79
C LEU D 18 -9.01 -33.50 -44.76
N ARG D 19 -8.26 -32.51 -45.22
CA ARG D 19 -7.45 -31.68 -44.33
C ARG D 19 -7.31 -30.29 -44.92
N LEU D 20 -7.31 -29.28 -44.05
CA LEU D 20 -7.20 -27.89 -44.44
C LEU D 20 -5.85 -27.35 -44.02
N SER D 21 -5.22 -26.55 -44.88
CA SER D 21 -3.94 -25.93 -44.61
C SER D 21 -4.11 -24.42 -44.49
N CYS D 22 -3.54 -23.84 -43.45
CA CYS D 22 -3.64 -22.40 -43.18
C CYS D 22 -2.24 -21.82 -43.35
N ALA D 23 -1.98 -21.20 -44.49
CA ALA D 23 -0.67 -20.63 -44.80
C ALA D 23 -0.55 -19.27 -44.14
N ALA D 24 0.44 -19.11 -43.27
CA ALA D 24 0.64 -17.88 -42.52
C ALA D 24 1.80 -17.09 -43.10
N SER D 25 1.66 -15.76 -43.07
CA SER D 25 2.70 -14.85 -43.54
C SER D 25 2.46 -13.48 -42.94
N GLY D 26 3.52 -12.69 -42.87
CA GLY D 26 3.46 -11.34 -42.37
C GLY D 26 3.56 -11.20 -40.87
N PHE D 27 3.71 -12.29 -40.13
CA PHE D 27 3.85 -12.22 -38.69
C PHE D 27 4.61 -13.44 -38.19
N THR D 28 5.17 -13.31 -36.99
CA THR D 28 5.87 -14.43 -36.36
C THR D 28 4.86 -15.48 -35.93
N PHE D 29 4.86 -16.62 -36.62
CA PHE D 29 3.86 -17.65 -36.37
C PHE D 29 4.03 -18.29 -34.99
N SER D 30 5.26 -18.33 -34.48
CA SER D 30 5.52 -18.99 -33.20
C SER D 30 5.11 -18.14 -32.01
N ASN D 31 4.82 -16.86 -32.21
CA ASN D 31 4.51 -15.96 -31.11
C ASN D 31 3.02 -15.73 -30.91
N TYR D 32 2.18 -16.19 -31.83
CA TYR D 32 0.75 -15.93 -31.79
C TYR D 32 -0.03 -17.23 -31.63
N LYS D 33 -1.23 -17.11 -31.05
CA LYS D 33 -2.15 -18.22 -30.96
C LYS D 33 -3.01 -18.30 -32.22
N MET D 34 -3.33 -19.52 -32.63
CA MET D 34 -4.11 -19.77 -33.82
C MET D 34 -5.47 -20.35 -33.44
N ASN D 35 -6.47 -20.11 -34.29
CA ASN D 35 -7.83 -20.56 -34.04
C ASN D 35 -8.48 -20.98 -35.34
N TRP D 36 -9.43 -21.92 -35.23
CA TRP D 36 -10.26 -22.32 -36.35
C TRP D 36 -11.69 -21.87 -36.08
N VAL D 37 -12.27 -21.15 -37.04
CA VAL D 37 -13.65 -20.68 -36.95
C VAL D 37 -14.35 -20.97 -38.27
N ARG D 38 -15.63 -21.29 -38.21
CA ARG D 38 -16.43 -21.60 -39.39
C ARG D 38 -17.74 -20.83 -39.35
N GLN D 39 -18.34 -20.66 -40.53
CA GLN D 39 -19.61 -19.95 -40.69
C GLN D 39 -20.49 -20.76 -41.63
N ALA D 40 -21.42 -21.51 -41.06
CA ALA D 40 -22.36 -22.27 -41.88
C ALA D 40 -23.37 -21.34 -42.54
N PRO D 41 -23.94 -21.74 -43.68
CA PRO D 41 -24.92 -20.88 -44.35
C PRO D 41 -26.14 -20.62 -43.47
N GLY D 42 -26.51 -19.34 -43.36
CA GLY D 42 -27.65 -18.96 -42.56
C GLY D 42 -27.40 -18.90 -41.07
N LYS D 43 -26.16 -19.06 -40.63
CA LYS D 43 -25.81 -19.02 -39.22
C LYS D 43 -24.63 -18.08 -39.02
N GLY D 44 -24.29 -17.83 -37.76
CA GLY D 44 -23.19 -16.96 -37.42
C GLY D 44 -21.87 -17.70 -37.32
N LEU D 45 -20.83 -16.94 -36.93
CA LEU D 45 -19.50 -17.50 -36.79
C LEU D 45 -19.42 -18.39 -35.55
N GLU D 46 -18.72 -19.52 -35.69
CA GLU D 46 -18.58 -20.49 -34.62
C GLU D 46 -17.12 -20.88 -34.46
N TRP D 47 -16.68 -20.95 -33.21
CA TRP D 47 -15.31 -21.33 -32.90
C TRP D 47 -15.17 -22.85 -32.96
N VAL D 48 -14.15 -23.32 -33.67
CA VAL D 48 -13.96 -24.75 -33.89
C VAL D 48 -12.83 -25.28 -33.02
N SER D 49 -11.62 -24.75 -33.21
CA SER D 49 -10.46 -25.26 -32.52
C SER D 49 -9.42 -24.17 -32.40
N ASP D 50 -8.46 -24.40 -31.50
CA ASP D 50 -7.34 -23.49 -31.32
C ASP D 50 -6.13 -24.28 -30.84
N ILE D 51 -4.96 -23.64 -30.87
CA ILE D 51 -3.73 -24.24 -30.40
C ILE D 51 -2.79 -23.14 -29.95
N SER D 52 -2.08 -23.38 -28.85
CA SER D 52 -1.21 -22.37 -28.27
C SER D 52 0.07 -22.22 -29.09
N GLN D 53 0.95 -21.33 -28.63
CA GLN D 53 2.18 -21.07 -29.36
C GLN D 53 3.11 -22.28 -29.33
N SER D 54 3.28 -22.90 -28.15
CA SER D 54 4.14 -24.06 -28.04
C SER D 54 3.57 -25.26 -28.78
N GLY D 55 2.25 -25.36 -28.91
CA GLY D 55 1.61 -26.47 -29.56
C GLY D 55 1.11 -27.56 -28.64
N ALA D 56 1.20 -27.38 -27.33
CA ALA D 56 0.75 -28.38 -26.37
C ALA D 56 -0.69 -28.13 -25.92
N SER D 57 -1.00 -26.91 -25.50
CA SER D 57 -2.36 -26.58 -25.09
C SER D 57 -3.29 -26.66 -26.29
N ILE D 58 -4.28 -27.56 -26.21
CA ILE D 58 -5.17 -27.87 -27.32
C ILE D 58 -6.60 -27.92 -26.80
N SER D 59 -7.51 -27.29 -27.54
CA SER D 59 -8.93 -27.26 -27.16
C SER D 59 -9.78 -27.26 -28.43
N TYR D 60 -10.76 -28.15 -28.49
CA TYR D 60 -11.74 -28.17 -29.55
C TYR D 60 -13.10 -27.75 -29.01
N THR D 61 -14.03 -27.51 -29.93
CA THR D 61 -15.44 -27.49 -29.57
C THR D 61 -15.94 -28.93 -29.46
N GLY D 62 -16.96 -29.13 -28.62
CA GLY D 62 -17.38 -30.48 -28.30
C GLY D 62 -17.88 -31.28 -29.49
N SER D 63 -18.45 -30.61 -30.48
CA SER D 63 -19.02 -31.31 -31.63
C SER D 63 -17.95 -31.89 -32.56
N VAL D 64 -16.70 -31.45 -32.43
CA VAL D 64 -15.63 -31.92 -33.31
C VAL D 64 -14.48 -32.56 -32.55
N LYS D 65 -14.47 -32.49 -31.22
CA LYS D 65 -13.38 -33.07 -30.45
C LYS D 65 -13.41 -34.59 -30.55
N GLY D 66 -12.24 -35.19 -30.80
CA GLY D 66 -12.13 -36.60 -31.08
C GLY D 66 -12.31 -36.95 -32.54
N ARG D 67 -12.84 -36.02 -33.34
CA ARG D 67 -13.04 -36.21 -34.77
C ARG D 67 -12.01 -35.45 -35.60
N PHE D 68 -11.81 -34.18 -35.31
CA PHE D 68 -10.83 -33.35 -35.99
C PHE D 68 -9.54 -33.27 -35.19
N THR D 69 -8.48 -32.81 -35.85
CA THR D 69 -7.16 -32.74 -35.23
C THR D 69 -6.52 -31.40 -35.58
N ILE D 70 -6.17 -30.63 -34.55
CA ILE D 70 -5.49 -29.35 -34.74
C ILE D 70 -4.00 -29.57 -34.57
N SER D 71 -3.22 -28.93 -35.44
CA SER D 71 -1.76 -29.03 -35.40
C SER D 71 -1.18 -27.83 -36.12
N ARG D 72 0.08 -27.51 -35.78
CA ARG D 72 0.80 -26.40 -36.40
C ARG D 72 2.25 -26.80 -36.61
N ASP D 73 2.82 -26.32 -37.70
CA ASP D 73 4.23 -26.50 -38.01
C ASP D 73 4.88 -25.12 -38.01
N ASN D 74 5.49 -24.76 -36.88
CA ASN D 74 6.07 -23.43 -36.71
C ASN D 74 7.24 -23.17 -37.64
N ALA D 75 7.82 -24.22 -38.23
CA ALA D 75 8.96 -24.01 -39.13
C ALA D 75 8.50 -23.42 -40.46
N LYS D 76 7.42 -23.94 -41.03
CA LYS D 76 6.91 -23.48 -42.31
C LYS D 76 5.77 -22.47 -42.17
N ASN D 77 5.40 -22.10 -40.94
CA ASN D 77 4.33 -21.13 -40.68
C ASN D 77 3.03 -21.57 -41.33
N THR D 78 2.57 -22.77 -40.94
CA THR D 78 1.34 -23.33 -41.48
C THR D 78 0.58 -24.02 -40.36
N LEU D 79 -0.75 -24.02 -40.48
CA LEU D 79 -1.64 -24.64 -39.52
C LEU D 79 -2.49 -25.69 -40.21
N TYR D 80 -2.62 -26.85 -39.57
CA TYR D 80 -3.31 -28.00 -40.15
C TYR D 80 -4.59 -28.30 -39.38
N LEU D 81 -5.57 -28.87 -40.08
CA LEU D 81 -6.81 -29.34 -39.46
C LEU D 81 -7.20 -30.63 -40.17
N GLN D 82 -6.77 -31.76 -39.61
CA GLN D 82 -7.08 -33.06 -40.18
C GLN D 82 -8.55 -33.38 -39.91
N MET D 83 -9.38 -33.29 -40.96
CA MET D 83 -10.81 -33.50 -40.85
C MET D 83 -11.13 -34.97 -41.07
N ASN D 84 -11.85 -35.57 -40.12
CA ASN D 84 -12.18 -36.98 -40.18
C ASN D 84 -13.64 -37.19 -39.79
N SER D 85 -14.28 -38.19 -40.39
CA SER D 85 -15.67 -38.56 -40.11
C SER D 85 -16.59 -37.35 -40.21
N LEU D 86 -16.62 -36.76 -41.39
CA LEU D 86 -17.39 -35.54 -41.59
C LEU D 86 -18.88 -35.83 -41.68
N LYS D 87 -19.68 -34.84 -41.30
CA LYS D 87 -21.13 -34.93 -41.33
C LYS D 87 -21.69 -33.74 -42.09
N PRO D 88 -22.89 -33.87 -42.65
CA PRO D 88 -23.47 -32.74 -43.42
C PRO D 88 -23.58 -31.45 -42.62
N GLU D 89 -23.61 -31.52 -41.29
CA GLU D 89 -23.64 -30.31 -40.48
C GLU D 89 -22.31 -29.58 -40.46
N ASP D 90 -21.23 -30.21 -40.92
CA ASP D 90 -19.93 -29.56 -41.00
C ASP D 90 -19.78 -28.65 -42.21
N THR D 91 -20.81 -28.56 -43.05
CA THR D 91 -20.75 -27.69 -44.23
C THR D 91 -20.71 -26.24 -43.79
N ALA D 92 -19.54 -25.60 -43.97
CA ALA D 92 -19.37 -24.22 -43.53
C ALA D 92 -18.11 -23.68 -44.21
N VAL D 93 -17.96 -22.36 -44.14
CA VAL D 93 -16.75 -21.69 -44.60
C VAL D 93 -15.79 -21.60 -43.43
N TYR D 94 -14.73 -22.39 -43.45
CA TYR D 94 -13.78 -22.48 -42.34
C TYR D 94 -12.73 -21.40 -42.48
N TYR D 95 -12.66 -20.50 -41.50
CA TYR D 95 -11.71 -19.40 -41.49
C TYR D 95 -10.57 -19.71 -40.53
N CYS D 96 -9.38 -19.21 -40.86
CA CYS D 96 -8.21 -19.30 -39.99
C CYS D 96 -8.09 -17.98 -39.22
N ALA D 97 -8.28 -18.03 -37.91
CA ALA D 97 -8.33 -16.85 -37.07
C ALA D 97 -7.07 -16.75 -36.22
N ARG D 98 -6.58 -15.53 -36.03
CA ARG D 98 -5.39 -15.27 -35.21
C ARG D 98 -5.64 -13.99 -34.43
N CYS D 99 -5.98 -14.13 -33.15
CA CYS D 99 -6.18 -12.98 -32.29
C CYS D 99 -4.89 -12.18 -32.13
N PRO D 100 -4.99 -10.86 -32.01
CA PRO D 100 -3.82 -9.99 -32.26
C PRO D 100 -2.86 -9.86 -31.08
N ALA D 101 -3.21 -10.36 -29.90
CA ALA D 101 -2.37 -10.16 -28.73
C ALA D 101 -1.35 -11.28 -28.62
N PRO D 102 -0.07 -11.02 -28.87
CA PRO D 102 0.94 -12.08 -28.71
C PRO D 102 1.40 -12.21 -27.27
N PHE D 103 1.94 -13.38 -26.96
CA PHE D 103 2.43 -13.71 -25.62
C PHE D 103 1.33 -13.58 -24.57
N THR D 104 0.09 -13.86 -24.95
CA THR D 104 -1.06 -13.71 -24.07
C THR D 104 -1.86 -15.00 -24.02
N ARG D 105 -2.49 -15.24 -22.87
CA ARG D 105 -3.38 -16.39 -22.74
C ARG D 105 -4.79 -16.04 -23.22
N ASP D 106 -5.25 -14.83 -22.92
CA ASP D 106 -6.52 -14.36 -23.46
C ASP D 106 -6.40 -14.17 -24.96
N CYS D 107 -7.46 -14.56 -25.68
CA CYS D 107 -7.46 -14.51 -27.15
C CYS D 107 -8.83 -14.00 -27.55
N PHE D 108 -8.88 -12.73 -27.98
CA PHE D 108 -10.13 -11.99 -28.08
C PHE D 108 -10.62 -11.85 -29.52
N ASP D 109 -11.94 -11.84 -29.67
CA ASP D 109 -12.62 -11.39 -30.89
C ASP D 109 -12.23 -12.20 -32.12
N VAL D 110 -11.95 -13.48 -31.96
CA VAL D 110 -11.65 -14.32 -33.13
C VAL D 110 -12.92 -14.67 -33.88
N THR D 111 -14.06 -14.77 -33.19
CA THR D 111 -15.33 -15.12 -33.80
C THR D 111 -16.18 -13.89 -34.10
N SER D 112 -15.56 -12.73 -34.27
CA SER D 112 -16.27 -11.48 -34.43
C SER D 112 -16.43 -11.13 -35.91
N THR D 113 -17.46 -10.34 -36.20
CA THR D 113 -17.67 -9.82 -37.54
C THR D 113 -16.86 -8.54 -37.72
N THR D 114 -16.59 -8.20 -38.99
CA THR D 114 -15.73 -7.06 -39.33
C THR D 114 -14.38 -7.13 -38.62
N TYR D 115 -13.88 -8.35 -38.45
CA TYR D 115 -12.68 -8.59 -37.66
C TYR D 115 -11.51 -8.95 -38.57
N ALA D 116 -10.42 -8.21 -38.45
CA ALA D 116 -9.22 -8.44 -39.26
C ALA D 116 -8.44 -9.64 -38.70
N TYR D 117 -7.23 -9.85 -39.26
CA TYR D 117 -6.37 -10.95 -38.85
C TYR D 117 -7.04 -12.30 -39.04
N ARG D 118 -7.86 -12.40 -40.09
CA ARG D 118 -8.59 -13.62 -40.39
C ARG D 118 -8.64 -13.81 -41.90
N GLY D 119 -8.52 -15.07 -42.33
CA GLY D 119 -8.53 -15.37 -43.74
C GLY D 119 -9.92 -15.30 -44.36
N GLN D 120 -9.95 -15.42 -45.68
CA GLN D 120 -11.22 -15.35 -46.41
C GLN D 120 -12.01 -16.65 -46.32
N GLY D 121 -11.38 -17.74 -45.89
CA GLY D 121 -12.08 -18.99 -45.68
C GLY D 121 -12.15 -19.84 -46.94
N THR D 122 -12.31 -21.14 -46.72
CA THR D 122 -12.47 -22.12 -47.80
C THR D 122 -13.76 -22.89 -47.58
N GLN D 123 -14.57 -22.96 -48.62
CA GLN D 123 -15.85 -23.68 -48.53
C GLN D 123 -15.60 -25.18 -48.41
N VAL D 124 -16.15 -25.78 -47.37
CA VAL D 124 -16.05 -27.22 -47.13
C VAL D 124 -17.47 -27.77 -47.17
N THR D 125 -17.88 -28.26 -48.34
CA THR D 125 -19.23 -28.77 -48.52
C THR D 125 -19.26 -30.27 -48.21
N VAL D 126 -20.25 -30.69 -47.42
CA VAL D 126 -20.36 -32.07 -47.00
C VAL D 126 -21.78 -32.38 -46.53
N MET E 34 27.71 0.34 86.79
CA MET E 34 28.94 -0.10 86.15
C MET E 34 29.25 0.74 84.91
N LEU E 35 28.23 1.40 84.38
CA LEU E 35 28.33 2.15 83.13
C LEU E 35 27.99 3.62 83.35
N GLU E 36 28.55 4.20 84.41
CA GLU E 36 28.42 5.64 84.64
C GLU E 36 29.33 6.46 83.72
N ARG E 37 29.92 5.82 82.70
CA ARG E 37 30.82 6.50 81.78
C ARG E 37 30.10 7.52 80.90
N LEU E 38 28.76 7.50 80.89
CA LEU E 38 28.04 8.29 79.89
C LEU E 38 28.12 9.79 80.13
N PRO E 39 27.85 10.32 81.33
CA PRO E 39 27.91 11.79 81.50
C PRO E 39 29.26 12.39 81.15
N LEU E 40 30.34 11.63 81.33
CA LEU E 40 31.70 12.10 81.02
C LEU E 40 31.76 12.81 79.68
N CYS E 41 31.33 12.13 78.61
CA CYS E 41 31.19 12.80 77.32
C CYS E 41 29.81 13.39 77.08
N GLY E 42 28.80 13.05 77.89
CA GLY E 42 27.49 13.61 77.67
C GLY E 42 27.45 15.11 77.91
N LYS E 43 27.96 15.55 79.06
CA LYS E 43 27.93 16.99 79.32
C LYS E 43 29.11 17.72 78.70
N ALA E 44 30.16 17.01 78.29
CA ALA E 44 31.14 17.62 77.39
C ALA E 44 30.51 17.90 76.04
N PHE E 45 29.69 16.97 75.53
CA PHE E 45 28.84 17.20 74.38
C PHE E 45 27.92 18.40 74.60
N ALA E 46 27.31 18.48 75.78
CA ALA E 46 26.41 19.60 76.08
C ALA E 46 27.17 20.93 76.07
N ASP E 47 28.39 20.95 76.61
CA ASP E 47 29.18 22.17 76.65
C ASP E 47 29.59 22.60 75.24
N MET E 48 30.14 21.66 74.46
CA MET E 48 30.53 21.99 73.09
C MET E 48 29.32 22.30 72.22
N MET E 49 28.13 21.88 72.64
CA MET E 49 26.91 22.17 71.89
C MET E 49 26.56 23.65 71.92
N GLY E 50 27.08 24.40 72.89
CA GLY E 50 26.86 25.82 73.00
C GLY E 50 27.54 26.67 71.95
N LYS E 51 28.21 26.06 70.98
CA LYS E 51 28.84 26.81 69.89
C LYS E 51 27.81 27.22 68.84
N VAL E 52 27.10 26.24 68.28
CA VAL E 52 26.16 26.47 67.18
C VAL E 52 24.93 27.20 67.72
N ASP E 53 24.17 27.82 66.83
CA ASP E 53 22.94 28.49 67.20
C ASP E 53 22.03 27.56 68.00
N VAL E 54 21.40 28.12 69.04
CA VAL E 54 20.60 27.33 69.97
C VAL E 54 19.37 26.75 69.28
N TRP E 55 18.81 27.45 68.30
CA TRP E 55 17.66 26.93 67.57
C TRP E 55 18.07 26.04 66.40
N LYS E 56 19.34 26.05 66.01
CA LYS E 56 19.86 25.13 65.01
C LYS E 56 20.36 23.84 65.63
N TRP E 57 20.12 23.62 66.92
CA TRP E 57 20.44 22.34 67.52
C TRP E 57 19.62 21.22 66.87
N CYS E 58 18.44 21.55 66.36
CA CYS E 58 17.62 20.60 65.64
C CYS E 58 18.02 20.44 64.19
N ASN E 59 18.82 21.36 63.65
CA ASN E 59 19.16 21.33 62.23
C ASN E 59 20.09 20.15 61.97
N LEU E 60 19.60 19.17 61.20
CA LEU E 60 20.32 17.93 60.96
C LEU E 60 21.52 18.10 60.02
N SER E 61 21.80 19.32 59.57
CA SER E 61 22.91 19.51 58.64
C SER E 61 24.23 19.77 59.38
N GLU E 62 24.19 20.49 60.50
CA GLU E 62 25.40 20.93 61.18
C GLU E 62 25.76 20.08 62.39
N PHE E 63 24.84 19.96 63.36
CA PHE E 63 25.18 19.35 64.65
C PHE E 63 25.44 17.86 64.56
N ILE E 64 25.17 17.22 63.42
CA ILE E 64 25.35 15.78 63.32
C ILE E 64 26.84 15.42 63.38
N VAL E 65 27.72 16.36 63.06
CA VAL E 65 29.16 16.10 63.20
C VAL E 65 29.51 15.85 64.67
N TYR E 66 29.10 16.76 65.55
CA TYR E 66 29.31 16.56 66.97
C TYR E 66 28.47 15.41 67.51
N TYR E 67 27.36 15.09 66.86
CA TYR E 67 26.61 13.89 67.25
C TYR E 67 27.41 12.62 66.98
N GLU E 68 28.11 12.58 65.84
CA GLU E 68 28.95 11.43 65.53
C GLU E 68 30.15 11.38 66.47
N SER E 69 30.68 12.54 66.83
CA SER E 69 31.72 12.58 67.86
C SER E 69 31.19 12.06 69.19
N PHE E 70 29.94 12.36 69.52
CA PHE E 70 29.34 11.85 70.75
C PHE E 70 29.13 10.35 70.69
N THR E 71 28.81 9.82 69.51
CA THR E 71 28.73 8.37 69.34
C THR E 71 30.12 7.73 69.53
N ASN E 72 31.15 8.33 68.93
CA ASN E 72 32.51 7.84 69.14
C ASN E 72 32.87 7.85 70.62
N CYS E 73 32.49 8.91 71.34
CA CYS E 73 32.68 8.89 72.79
C CYS E 73 31.93 7.73 73.44
N THR E 74 30.61 7.67 73.23
CA THR E 74 29.78 6.69 73.91
C THR E 74 30.17 5.25 73.61
N GLU E 75 30.98 5.01 72.58
CA GLU E 75 31.46 3.63 72.40
C GLU E 75 32.99 3.49 72.38
N MET E 76 33.74 4.56 72.66
CA MET E 76 35.19 4.41 72.78
C MET E 76 35.64 4.17 74.21
N GLU E 77 34.92 4.74 75.19
CA GLU E 77 35.17 4.39 76.58
C GLU E 77 34.85 2.94 76.87
N ALA E 78 34.09 2.28 76.00
CA ALA E 78 33.76 0.86 76.11
C ALA E 78 34.92 0.01 75.60
N ASN E 79 34.65 -1.27 75.38
CA ASN E 79 35.62 -2.24 74.87
C ASN E 79 36.71 -2.55 75.88
N VAL E 80 36.41 -2.45 77.17
CA VAL E 80 37.39 -2.72 78.22
C VAL E 80 36.94 -3.95 79.02
N VAL E 81 35.63 -4.16 79.09
CA VAL E 81 35.07 -5.26 79.86
C VAL E 81 34.24 -6.23 79.03
N GLY E 82 33.78 -5.82 77.84
CA GLY E 82 33.00 -6.73 77.02
C GLY E 82 31.67 -6.17 76.57
N CYS E 83 31.52 -4.85 76.61
CA CYS E 83 30.29 -4.21 76.18
C CYS E 83 30.10 -4.37 74.67
N TYR E 84 28.84 -4.41 74.24
CA TYR E 84 28.46 -4.58 72.85
C TYR E 84 28.05 -3.23 72.27
N TRP E 85 27.74 -3.23 70.97
CA TRP E 85 27.31 -1.99 70.32
C TRP E 85 25.89 -1.61 70.72
N PRO E 86 24.88 -2.51 70.65
CA PRO E 86 23.56 -2.15 71.19
C PRO E 86 23.58 -2.13 72.71
N ASN E 87 23.48 -0.95 73.30
CA ASN E 87 23.60 -0.77 74.75
C ASN E 87 22.24 -0.42 75.34
N PRO E 88 21.51 -1.38 75.91
CA PRO E 88 20.22 -1.05 76.52
C PRO E 88 20.35 -0.14 77.73
N LEU E 89 21.45 -0.25 78.47
CA LEU E 89 21.68 0.61 79.62
C LEU E 89 22.12 2.01 79.24
N ALA E 90 22.30 2.30 77.95
CA ALA E 90 22.75 3.60 77.49
C ALA E 90 21.70 4.39 76.74
N GLN E 91 20.67 3.72 76.21
CA GLN E 91 19.64 4.41 75.44
C GLN E 91 18.88 5.42 76.30
N GLY E 92 18.59 5.08 77.55
CA GLY E 92 17.90 6.02 78.40
C GLY E 92 18.70 7.27 78.66
N PHE E 93 19.98 7.11 79.00
CA PHE E 93 20.82 8.26 79.32
C PHE E 93 21.12 9.11 78.09
N ILE E 94 21.30 8.50 76.92
CA ILE E 94 21.57 9.32 75.74
C ILE E 94 20.28 9.97 75.24
N THR E 95 19.14 9.32 75.45
CA THR E 95 17.86 9.98 75.19
C THR E 95 17.66 11.16 76.13
N GLY E 96 18.13 11.04 77.37
CA GLY E 96 18.06 12.17 78.29
C GLY E 96 19.00 13.30 77.90
N ILE E 97 20.20 12.95 77.42
CA ILE E 97 21.14 13.96 76.97
C ILE E 97 20.61 14.68 75.73
N HIS E 98 19.78 13.99 74.94
CA HIS E 98 19.09 14.66 73.84
C HIS E 98 17.93 15.51 74.38
N ARG E 99 17.24 15.01 75.40
CA ARG E 99 16.16 15.75 76.05
C ARG E 99 16.67 17.07 76.64
N GLN E 100 17.94 17.09 77.03
CA GLN E 100 18.51 18.27 77.67
C GLN E 100 18.55 19.48 76.73
N PHE E 101 18.72 19.24 75.44
CA PHE E 101 19.05 20.31 74.50
C PHE E 101 18.14 20.38 73.29
N PHE E 102 17.57 19.27 72.84
CA PHE E 102 16.91 19.17 71.55
C PHE E 102 15.42 18.90 71.67
N SER E 103 14.74 19.59 72.58
CA SER E 103 13.31 19.44 72.77
C SER E 103 12.53 20.49 71.96
N ASN E 104 11.21 20.28 71.89
CA ASN E 104 10.29 21.19 71.22
C ASN E 104 10.69 21.37 69.75
N CYS E 105 10.57 20.28 68.99
CA CYS E 105 11.15 20.23 67.65
C CYS E 105 10.17 19.61 66.67
N THR E 106 10.37 19.92 65.40
CA THR E 106 9.62 19.28 64.34
C THR E 106 10.29 17.97 63.92
N VAL E 107 9.49 17.05 63.41
CA VAL E 107 9.97 15.70 63.10
C VAL E 107 10.43 15.58 61.65
N ASP E 108 9.83 16.36 60.75
CA ASP E 108 10.19 16.37 59.34
C ASP E 108 10.08 14.97 58.73
N ARG E 109 8.85 14.45 58.73
CA ARG E 109 8.58 13.09 58.31
C ARG E 109 8.21 13.00 56.84
N VAL E 110 8.80 12.02 56.15
CA VAL E 110 8.37 11.68 54.81
C VAL E 110 7.42 10.49 54.86
N HIS E 111 6.25 10.63 54.24
CA HIS E 111 5.21 9.62 54.31
C HIS E 111 4.80 9.21 52.90
N LEU E 112 4.82 7.90 52.65
CA LEU E 112 4.35 7.32 51.39
C LEU E 112 3.11 6.50 51.69
N GLU E 113 1.94 7.01 51.32
CA GLU E 113 0.67 6.39 51.69
C GLU E 113 -0.10 6.00 50.44
N ASP E 114 -0.78 4.86 50.52
CA ASP E 114 -1.70 4.43 49.47
C ASP E 114 -3.09 4.97 49.78
N PRO E 115 -3.97 5.00 48.78
CA PRO E 115 -5.34 5.46 49.00
C PRO E 115 -6.04 4.61 50.05
N PRO E 116 -7.17 5.08 50.59
CA PRO E 116 -7.85 4.34 51.67
C PRO E 116 -8.60 3.12 51.20
N ASP E 117 -8.31 2.65 49.98
CA ASP E 117 -8.89 1.50 49.28
C ASP E 117 -10.27 1.82 48.71
N GLU E 118 -10.80 3.03 48.93
CA GLU E 118 -12.00 3.48 48.27
C GLU E 118 -11.73 4.53 47.21
N VAL E 119 -10.54 5.14 47.21
CA VAL E 119 -10.12 6.07 46.17
C VAL E 119 -9.16 5.42 45.19
N LEU E 120 -8.56 4.29 45.54
CA LEU E 120 -7.60 3.62 44.66
C LEU E 120 -8.29 3.02 43.44
N ILE E 121 -9.24 2.12 43.67
CA ILE E 121 -9.86 1.36 42.58
C ILE E 121 -10.71 2.22 41.64
N PRO E 122 -11.33 3.34 42.05
CA PRO E 122 -12.01 4.16 41.04
C PRO E 122 -11.05 4.81 40.06
N LEU E 123 -9.92 5.33 40.53
CA LEU E 123 -8.92 5.92 39.65
C LEU E 123 -8.28 4.90 38.71
N ILE E 124 -8.57 3.61 38.92
CA ILE E 124 -8.02 2.54 38.08
C ILE E 124 -9.11 2.07 37.14
N VAL E 125 -10.35 2.08 37.62
CA VAL E 125 -11.47 1.55 36.84
C VAL E 125 -11.95 2.56 35.82
N ILE E 126 -12.11 3.83 36.23
CA ILE E 126 -12.60 4.86 35.33
C ILE E 126 -11.78 4.96 34.04
N PRO E 127 -10.44 4.91 34.08
CA PRO E 127 -9.70 4.89 32.80
C PRO E 127 -10.04 3.69 31.93
N VAL E 128 -10.22 2.51 32.51
CA VAL E 128 -10.56 1.33 31.71
C VAL E 128 -11.94 1.48 31.08
N VAL E 129 -12.91 1.96 31.85
CA VAL E 129 -14.26 2.14 31.32
C VAL E 129 -14.26 3.20 30.22
N LEU E 130 -13.50 4.28 30.41
CA LEU E 130 -13.41 5.30 29.36
C LEU E 130 -12.70 4.75 28.12
N THR E 131 -11.73 3.87 28.30
CA THR E 131 -11.05 3.26 27.16
C THR E 131 -12.01 2.40 26.34
N VAL E 132 -12.75 1.52 27.00
CA VAL E 132 -13.68 0.67 26.25
C VAL E 132 -14.81 1.51 25.65
N ALA E 133 -15.22 2.57 26.33
CA ALA E 133 -16.26 3.44 25.80
C ALA E 133 -15.78 4.18 24.56
N MET E 134 -14.54 4.67 24.57
CA MET E 134 -13.99 5.34 23.40
C MET E 134 -13.81 4.36 22.24
N ALA E 135 -13.37 3.14 22.54
CA ALA E 135 -13.28 2.11 21.50
C ALA E 135 -14.63 1.86 20.86
N GLY E 136 -15.66 1.67 21.69
CA GLY E 136 -17.00 1.46 21.16
C GLY E 136 -17.50 2.66 20.37
N LEU E 137 -17.13 3.87 20.80
CA LEU E 137 -17.55 5.08 20.10
C LEU E 137 -16.89 5.16 18.73
N VAL E 138 -15.62 4.76 18.62
CA VAL E 138 -14.96 4.76 17.32
C VAL E 138 -15.58 3.71 16.41
N VAL E 139 -15.87 2.52 16.94
CA VAL E 139 -16.54 1.50 16.13
C VAL E 139 -17.92 1.98 15.70
N TRP E 140 -18.59 2.77 16.53
CA TRP E 140 -19.89 3.31 16.18
C TRP E 140 -19.77 4.33 15.06
N ARG E 141 -18.82 5.26 15.19
CA ARG E 141 -18.59 6.26 14.14
C ARG E 141 -18.11 5.63 12.84
N SER E 142 -17.53 4.43 12.91
CA SER E 142 -17.03 3.75 11.71
C SER E 142 -18.12 3.60 10.66
N LYS E 143 -19.30 3.13 11.06
CA LYS E 143 -20.38 2.88 10.12
C LYS E 143 -21.21 4.13 9.82
N ARG E 144 -20.82 5.29 10.34
CA ARG E 144 -21.58 6.52 10.13
C ARG E 144 -20.85 7.47 9.19
N LEU F 5 -5.30 -6.61 47.79
CA LEU F 5 -6.20 -7.27 46.84
C LEU F 5 -5.39 -7.86 45.69
N LEU F 6 -4.32 -7.17 45.30
CA LEU F 6 -3.48 -7.58 44.18
C LEU F 6 -2.09 -7.90 44.71
N ARG F 7 -1.22 -8.35 43.82
CA ARG F 7 0.13 -8.74 44.18
C ARG F 7 1.00 -7.50 44.41
N VAL F 8 2.21 -7.74 44.88
CA VAL F 8 3.16 -6.66 45.15
C VAL F 8 3.76 -6.17 43.84
N GLY F 9 3.93 -4.85 43.73
CA GLY F 9 4.49 -4.27 42.54
C GLY F 9 3.53 -4.32 41.36
N CYS F 10 4.09 -4.04 40.18
CA CYS F 10 3.34 -4.06 38.92
C CYS F 10 3.63 -5.39 38.24
N VAL F 11 2.61 -6.26 38.19
CA VAL F 11 2.80 -7.62 37.67
C VAL F 11 2.62 -7.72 36.17
N LEU F 12 1.96 -6.76 35.54
CA LEU F 12 1.68 -6.86 34.11
C LEU F 12 2.98 -6.79 33.30
N GLY F 13 2.90 -7.34 32.08
CA GLY F 13 4.06 -7.38 31.20
C GLY F 13 4.42 -6.07 30.54
N THR F 14 3.59 -5.04 30.69
CA THR F 14 3.83 -3.75 30.06
C THR F 14 4.63 -2.80 30.95
N CYS F 15 4.78 -3.10 32.23
CA CYS F 15 5.54 -2.26 33.16
C CYS F 15 6.92 -2.83 33.46
N GLN F 16 7.54 -3.50 32.48
CA GLN F 16 8.88 -4.03 32.69
C GLN F 16 9.91 -2.91 32.76
N VAL F 17 9.65 -1.78 32.10
CA VAL F 17 10.56 -0.65 32.19
C VAL F 17 10.50 -0.02 33.57
N GLN F 18 9.32 0.02 34.18
CA GLN F 18 9.19 0.59 35.52
C GLN F 18 9.97 -0.21 36.55
N ASN F 19 9.80 -1.54 36.54
CA ASN F 19 10.51 -2.38 37.49
C ASN F 19 12.02 -2.33 37.28
N LEU F 20 12.46 -2.33 36.01
CA LEU F 20 13.89 -2.25 35.74
C LEU F 20 14.47 -0.92 36.18
N SER F 21 13.73 0.17 35.96
CA SER F 21 14.20 1.47 36.40
C SER F 21 14.27 1.55 37.92
N HIS F 22 13.26 1.03 38.61
CA HIS F 22 13.29 1.05 40.07
C HIS F 22 14.42 0.18 40.60
N ARG F 23 14.69 -0.95 39.95
CA ARG F 23 15.81 -1.80 40.33
C ARG F 23 17.14 -1.07 40.17
N LEU F 24 17.33 -0.40 39.03
CA LEU F 24 18.55 0.36 38.82
C LEU F 24 18.67 1.50 39.84
N TRP F 25 17.53 2.07 40.25
CA TRP F 25 17.58 3.15 41.24
C TRP F 25 17.92 2.60 42.62
N GLN F 26 17.42 1.41 42.95
CA GLN F 26 17.69 0.84 44.28
C GLN F 26 19.13 0.37 44.39
N LEU F 27 19.62 -0.38 43.41
CA LEU F 27 21.00 -0.85 43.47
C LEU F 27 21.98 0.30 43.30
N MET F 28 21.91 1.00 42.16
CA MET F 28 22.78 2.14 41.90
C MET F 28 22.06 3.42 42.31
N GLY F 29 21.99 3.64 43.62
CA GLY F 29 21.38 4.81 44.18
C GLY F 29 22.38 5.93 44.38
N PRO F 30 22.42 6.49 45.59
CA PRO F 30 23.40 7.55 45.88
C PRO F 30 24.82 7.02 45.80
N ALA F 31 25.70 7.78 45.15
CA ALA F 31 27.08 7.38 45.00
C ALA F 31 27.90 7.80 46.22
N GLY F 32 29.15 7.33 46.25
CA GLY F 32 30.05 7.65 47.33
C GLY F 32 29.80 6.90 48.62
N ARG F 33 28.96 5.87 48.62
CA ARG F 33 28.67 5.13 49.83
C ARG F 33 29.79 4.15 50.15
N GLN F 34 29.85 3.74 51.41
CA GLN F 34 30.88 2.83 51.88
C GLN F 34 30.48 1.38 51.56
N ASP F 35 31.41 0.47 51.81
CA ASP F 35 31.18 -0.96 51.62
C ASP F 35 31.25 -1.68 52.96
N SER F 36 31.10 -3.00 52.93
CA SER F 36 31.12 -3.81 54.14
C SER F 36 32.55 -3.91 54.68
N ALA F 37 32.81 -3.24 55.79
CA ALA F 37 34.12 -3.31 56.43
C ALA F 37 34.29 -4.59 57.24
N PRO F 38 33.34 -4.98 58.11
CA PRO F 38 33.49 -6.24 58.84
C PRO F 38 32.82 -7.40 58.12
N VAL F 39 33.02 -8.59 58.66
CA VAL F 39 32.40 -9.79 58.11
C VAL F 39 30.96 -9.88 58.59
N ASP F 40 30.02 -9.69 57.67
CA ASP F 40 28.59 -9.64 57.96
C ASP F 40 27.92 -11.00 58.08
N PRO F 41 28.00 -11.89 57.06
CA PRO F 41 27.06 -13.03 57.02
C PRO F 41 27.17 -14.01 58.18
N SER F 42 28.37 -14.56 58.41
CA SER F 42 28.54 -15.66 59.35
C SER F 42 29.22 -15.23 60.65
N SER F 43 29.27 -13.93 60.93
CA SER F 43 29.99 -13.59 62.15
C SER F 43 29.01 -13.26 63.28
N PRO F 44 29.37 -13.59 64.52
CA PRO F 44 28.55 -13.14 65.66
C PRO F 44 28.67 -11.64 65.92
N HIS F 45 29.74 -11.00 65.45
CA HIS F 45 29.92 -9.55 65.64
C HIS F 45 29.44 -8.82 64.38
N SER F 46 28.13 -8.87 64.16
CA SER F 46 27.48 -8.23 63.02
C SER F 46 26.24 -7.46 63.47
N TYR F 47 26.40 -6.68 64.52
CA TYR F 47 25.32 -5.87 65.10
C TYR F 47 24.14 -6.75 65.52
N GLY G 45 31.52 10.70 55.13
CA GLY G 45 30.88 10.02 54.02
C GLY G 45 29.37 10.10 54.07
N VAL G 46 28.72 9.62 53.01
CA VAL G 46 27.26 9.67 52.95
C VAL G 46 26.65 8.45 53.64
N THR G 47 27.43 7.37 53.79
CA THR G 47 26.91 6.17 54.46
C THR G 47 26.58 6.45 55.92
N ARG G 48 27.60 6.82 56.71
CA ARG G 48 27.32 7.14 58.10
C ARG G 48 26.54 8.44 58.24
N ASN G 49 26.46 9.24 57.17
CA ASN G 49 25.54 10.38 57.18
C ASN G 49 24.09 9.90 57.21
N LYS G 50 23.76 8.94 56.34
CA LYS G 50 22.45 8.30 56.40
C LYS G 50 22.24 7.62 57.74
N ILE G 51 23.28 6.99 58.28
CA ILE G 51 23.17 6.32 59.57
C ILE G 51 22.90 7.33 60.69
N MET G 52 23.53 8.50 60.61
CA MET G 52 23.31 9.54 61.61
C MET G 52 21.91 10.10 61.52
N THR G 53 21.41 10.35 60.31
CA THR G 53 20.03 10.81 60.16
C THR G 53 19.05 9.76 60.66
N ALA G 54 19.37 8.48 60.45
CA ALA G 54 18.52 7.41 60.96
C ALA G 54 18.51 7.39 62.49
N GLN G 55 19.70 7.52 63.10
CA GLN G 55 19.79 7.68 64.56
C GLN G 55 18.92 8.84 65.03
N TYR G 56 19.02 9.96 64.33
CA TYR G 56 18.29 11.16 64.71
C TYR G 56 16.78 10.92 64.69
N GLU G 57 16.25 10.44 63.57
CA GLU G 57 14.81 10.26 63.49
C GLU G 57 14.33 9.12 64.38
N CYS G 58 15.16 8.10 64.61
CA CYS G 58 14.78 7.01 65.51
C CYS G 58 14.64 7.51 66.93
N TYR G 59 15.63 8.25 67.43
CA TYR G 59 15.51 8.82 68.77
C TYR G 59 14.60 10.05 68.79
N GLN G 60 14.13 10.50 67.63
CA GLN G 60 13.12 11.53 67.53
C GLN G 60 11.71 10.99 67.72
N LYS G 61 11.43 9.81 67.15
CA LYS G 61 10.08 9.25 67.22
C LYS G 61 9.90 8.19 68.29
N ILE G 62 10.98 7.55 68.74
CA ILE G 62 10.84 6.48 69.74
C ILE G 62 10.63 7.06 71.13
N MET G 63 11.29 8.17 71.45
CA MET G 63 11.20 8.74 72.79
C MET G 63 9.80 9.26 73.11
N GLN G 64 8.96 9.41 72.09
CA GLN G 64 7.58 9.85 72.29
C GLN G 64 6.79 8.81 73.07
N TYR G 74 9.72 -10.53 77.61
CA TYR G 74 9.25 -9.74 76.48
C TYR G 74 10.42 -9.12 75.72
N CYS G 75 10.18 -8.74 74.47
CA CYS G 75 11.18 -8.12 73.62
C CYS G 75 10.73 -6.69 73.32
N ASN G 76 11.62 -5.73 73.56
CA ASN G 76 11.29 -4.31 73.57
C ASN G 76 11.91 -3.63 72.36
N ARG G 77 11.74 -2.31 72.28
CA ARG G 77 12.35 -1.53 71.20
C ARG G 77 13.86 -1.51 71.35
N THR G 78 14.56 -1.65 70.23
CA THR G 78 16.02 -1.72 70.23
C THR G 78 16.59 -0.75 69.20
N TRP G 79 17.91 -0.69 69.16
CA TRP G 79 18.66 0.02 68.12
C TRP G 79 19.96 -0.75 67.93
N ASP G 80 20.00 -1.59 66.90
CA ASP G 80 21.17 -2.42 66.63
C ASP G 80 22.27 -1.68 65.89
N GLY G 81 22.20 -0.35 65.81
CA GLY G 81 23.21 0.45 65.16
C GLY G 81 22.90 0.83 63.73
N TRP G 82 22.00 0.10 63.07
CA TRP G 82 21.66 0.35 61.68
C TRP G 82 20.19 0.73 61.47
N LEU G 83 19.26 -0.01 62.07
CA LEU G 83 17.85 0.22 61.87
C LEU G 83 17.14 0.35 63.21
N CYS G 84 16.10 1.19 63.22
CA CYS G 84 15.29 1.39 64.40
C CYS G 84 14.11 0.42 64.39
N TRP G 85 13.91 -0.28 65.51
CA TRP G 85 12.91 -1.33 65.63
C TRP G 85 11.88 -0.97 66.69
N ASN G 86 10.66 -1.45 66.50
CA ASN G 86 9.57 -1.23 67.43
C ASN G 86 9.39 -2.45 68.33
N ASP G 87 8.55 -2.28 69.36
CA ASP G 87 8.32 -3.36 70.31
C ASP G 87 7.40 -4.42 69.71
N VAL G 88 7.81 -5.68 69.83
CA VAL G 88 7.09 -6.80 69.24
C VAL G 88 6.59 -7.71 70.36
N ALA G 89 5.53 -8.47 70.05
CA ALA G 89 4.96 -9.39 71.01
C ALA G 89 5.93 -10.55 71.28
N ALA G 90 5.62 -11.32 72.32
CA ALA G 90 6.46 -12.44 72.70
C ALA G 90 6.30 -13.58 71.69
N GLY G 91 7.43 -14.22 71.36
CA GLY G 91 7.42 -15.29 70.38
C GLY G 91 6.98 -14.85 69.00
N THR G 92 7.36 -13.63 68.60
CA THR G 92 6.98 -13.08 67.31
C THR G 92 8.23 -12.57 66.60
N GLU G 93 8.41 -13.00 65.36
CA GLU G 93 9.52 -12.52 64.55
C GLU G 93 9.18 -11.16 63.93
N SER G 94 10.09 -10.21 64.11
CA SER G 94 9.97 -8.88 63.56
C SER G 94 10.79 -8.77 62.28
N MET G 95 10.33 -7.90 61.38
CA MET G 95 10.98 -7.71 60.09
C MET G 95 11.26 -6.22 59.86
N GLN G 96 12.20 -5.95 58.96
CA GLN G 96 12.56 -4.60 58.54
C GLN G 96 13.14 -4.70 57.13
N LEU G 97 12.71 -3.81 56.26
CA LEU G 97 13.20 -3.87 54.88
C LEU G 97 14.63 -3.39 54.83
N CYS G 98 15.44 -4.04 54.00
CA CYS G 98 16.87 -3.80 54.00
C CYS G 98 17.17 -2.36 53.58
N PRO G 99 18.05 -1.65 54.29
CA PRO G 99 18.32 -0.25 53.95
C PRO G 99 19.20 -0.08 52.74
N ASP G 100 19.57 1.16 52.45
CA ASP G 100 20.44 1.51 51.34
C ASP G 100 21.74 2.12 51.87
N TYR G 101 22.27 1.54 52.94
CA TYR G 101 23.45 2.10 53.58
C TYR G 101 24.70 1.92 52.73
N PHE G 102 25.03 0.67 52.39
CA PHE G 102 26.27 0.36 51.68
C PHE G 102 25.97 -0.04 50.24
N GLN G 103 27.03 -0.03 49.42
CA GLN G 103 26.93 -0.46 48.03
C GLN G 103 26.90 -1.97 47.89
N ASP G 104 27.04 -2.72 48.98
CA ASP G 104 27.02 -4.17 48.94
C ASP G 104 25.66 -4.76 49.32
N PHE G 105 24.87 -4.04 50.10
CA PHE G 105 23.56 -4.52 50.54
C PHE G 105 22.49 -4.21 49.52
N ASP G 106 21.53 -5.13 49.39
CA ASP G 106 20.45 -4.98 48.44
C ASP G 106 19.24 -4.38 49.17
N PRO G 107 18.78 -3.19 48.79
CA PRO G 107 17.66 -2.57 49.53
C PRO G 107 16.34 -3.30 49.36
N SER G 108 16.14 -4.00 48.24
CA SER G 108 14.85 -4.66 48.00
C SER G 108 14.60 -5.80 48.98
N GLU G 109 15.64 -6.33 49.60
CA GLU G 109 15.48 -7.44 50.53
C GLU G 109 15.00 -6.91 51.87
N LYS G 110 15.02 -7.75 52.90
CA LYS G 110 14.51 -7.37 54.21
C LYS G 110 15.21 -8.19 55.28
N VAL G 111 15.47 -7.55 56.41
CA VAL G 111 16.17 -8.17 57.51
C VAL G 111 15.14 -8.51 58.59
N THR G 112 15.49 -9.45 59.46
CA THR G 112 14.56 -9.98 60.45
C THR G 112 15.22 -10.01 61.82
N LYS G 113 14.38 -10.13 62.85
CA LYS G 113 14.81 -10.27 64.24
C LYS G 113 13.94 -11.31 64.92
N ILE G 114 14.50 -11.97 65.93
CA ILE G 114 13.85 -13.09 66.61
C ILE G 114 13.58 -12.69 68.06
N CYS G 115 12.35 -12.95 68.52
CA CYS G 115 11.98 -12.77 69.90
C CYS G 115 11.91 -14.12 70.60
N ASP G 116 11.78 -14.08 71.92
CA ASP G 116 11.69 -15.29 72.73
C ASP G 116 11.12 -14.99 74.10
N ASN G 120 14.05 -11.44 76.40
CA ASN G 120 15.33 -11.44 75.70
C ASN G 120 15.09 -11.23 74.21
N TRP G 121 16.17 -10.98 73.46
CA TRP G 121 16.08 -10.68 72.04
C TRP G 121 16.94 -11.65 71.23
N PHE G 122 16.88 -12.94 71.59
CA PHE G 122 17.61 -14.00 70.90
C PHE G 122 19.12 -13.73 70.89
N ARG G 123 19.69 -13.77 72.10
CA ARG G 123 21.11 -13.58 72.28
C ARG G 123 21.90 -14.66 71.53
N HIS G 124 22.70 -14.25 70.56
CA HIS G 124 23.42 -15.20 69.72
C HIS G 124 24.52 -15.89 70.52
N PRO G 125 24.55 -17.21 70.56
CA PRO G 125 25.70 -17.90 71.17
C PRO G 125 27.01 -17.49 70.49
N ALA G 126 28.09 -17.59 71.26
CA ALA G 126 29.42 -17.10 70.90
C ALA G 126 29.46 -15.58 70.76
N SER G 127 28.35 -14.90 71.05
CA SER G 127 28.32 -13.44 71.04
C SER G 127 27.73 -12.94 72.36
N ASN G 128 26.82 -13.74 72.93
CA ASN G 128 26.25 -13.50 74.25
C ASN G 128 25.47 -12.19 74.33
N ARG G 129 24.99 -11.70 73.20
CA ARG G 129 24.06 -10.58 73.19
C ARG G 129 23.32 -10.57 71.85
N THR G 130 22.55 -9.51 71.61
CA THR G 130 21.63 -9.48 70.47
C THR G 130 22.40 -9.51 69.16
N TRP G 131 21.78 -10.14 68.16
CA TRP G 131 22.37 -10.24 66.83
C TRP G 131 21.25 -10.17 65.79
N THR G 132 21.62 -9.76 64.59
CA THR G 132 20.66 -9.63 63.50
C THR G 132 21.22 -10.30 62.26
N ASN G 133 20.34 -10.95 61.49
CA ASN G 133 20.74 -11.72 60.32
C ASN G 133 20.65 -10.82 59.09
N TYR G 134 21.75 -10.14 58.77
CA TYR G 134 21.85 -9.35 57.55
C TYR G 134 22.39 -10.17 56.38
N THR G 135 22.21 -11.49 56.41
CA THR G 135 22.76 -12.33 55.35
C THR G 135 22.01 -12.13 54.04
N GLN G 136 20.68 -12.06 54.11
CA GLN G 136 19.85 -11.98 52.91
C GLN G 136 19.99 -10.66 52.16
N CYS G 137 20.91 -9.78 52.57
CA CYS G 137 21.06 -8.48 51.93
C CYS G 137 22.28 -8.39 51.02
N ASN G 138 23.30 -9.25 51.20
CA ASN G 138 24.51 -9.11 50.42
C ASN G 138 25.03 -10.43 49.86
N VAL G 139 24.27 -11.53 49.95
CA VAL G 139 24.74 -12.79 49.39
C VAL G 139 24.58 -12.80 47.87
N ASN G 140 23.48 -12.25 47.36
CA ASN G 140 23.21 -12.31 45.92
C ASN G 140 22.99 -10.92 45.36
N THR G 141 23.87 -9.97 45.69
CA THR G 141 23.79 -8.62 45.15
C THR G 141 24.59 -8.48 43.86
N HIS G 142 25.73 -9.18 43.75
CA HIS G 142 26.52 -9.12 42.53
C HIS G 142 25.74 -9.65 41.34
N GLU G 143 25.04 -10.78 41.52
CA GLU G 143 24.23 -11.32 40.44
C GLU G 143 23.08 -10.38 40.09
N LYS G 144 22.53 -9.69 41.09
CA LYS G 144 21.46 -8.75 40.83
C LYS G 144 21.94 -7.57 39.99
N VAL G 145 23.10 -7.00 40.34
CA VAL G 145 23.65 -5.91 39.53
C VAL G 145 24.01 -6.40 38.14
N LYS G 146 24.50 -7.65 38.04
CA LYS G 146 24.82 -8.22 36.74
C LYS G 146 23.58 -8.27 35.85
N THR G 147 22.50 -8.88 36.33
CA THR G 147 21.30 -9.01 35.51
C THR G 147 20.67 -7.65 35.24
N ALA G 148 20.79 -6.71 36.20
CA ALA G 148 20.25 -5.37 35.98
C ALA G 148 20.97 -4.67 34.83
N LEU G 149 22.31 -4.71 34.84
CA LEU G 149 23.07 -4.08 33.76
C LEU G 149 22.81 -4.77 32.43
N ASN G 150 22.73 -6.11 32.44
CA ASN G 150 22.47 -6.84 31.20
C ASN G 150 21.11 -6.48 30.63
N LEU G 151 20.09 -6.40 31.50
CA LEU G 151 18.75 -6.03 31.04
C LEU G 151 18.73 -4.60 30.52
N PHE G 152 19.44 -3.69 31.19
CA PHE G 152 19.53 -2.31 30.73
C PHE G 152 20.12 -2.24 29.33
N TYR G 153 21.24 -2.93 29.11
CA TYR G 153 21.85 -2.95 27.78
C TYR G 153 20.92 -3.58 26.76
N LEU G 154 20.21 -4.63 27.15
CA LEU G 154 19.23 -5.26 26.26
C LEU G 154 18.19 -4.25 25.80
N THR G 155 17.59 -3.52 26.75
CA THR G 155 16.57 -2.53 26.40
C THR G 155 17.15 -1.44 25.50
N ILE G 156 18.33 -0.92 25.84
CA ILE G 156 18.91 0.17 25.05
C ILE G 156 19.16 -0.29 23.61
N ILE G 157 19.78 -1.45 23.44
CA ILE G 157 20.11 -1.92 22.10
C ILE G 157 18.85 -2.21 21.30
N GLY G 158 17.88 -2.89 21.92
CA GLY G 158 16.64 -3.20 21.23
C GLY G 158 15.90 -1.95 20.78
N HIS G 159 15.75 -0.98 21.69
CA HIS G 159 15.04 0.24 21.32
C HIS G 159 15.81 1.06 20.29
N GLY G 160 17.15 1.03 20.32
CA GLY G 160 17.91 1.74 19.31
C GLY G 160 17.72 1.15 17.93
N LEU G 161 17.81 -0.17 17.82
CA LEU G 161 17.54 -0.81 16.52
C LEU G 161 16.10 -0.58 16.08
N SER G 162 15.17 -0.53 17.03
CA SER G 162 13.78 -0.23 16.71
C SER G 162 13.65 1.18 16.13
N ILE G 163 14.29 2.15 16.76
CA ILE G 163 14.28 3.52 16.23
C ILE G 163 14.84 3.54 14.82
N ALA G 164 15.96 2.85 14.60
CA ALA G 164 16.57 2.83 13.27
C ALA G 164 15.59 2.31 12.23
N SER G 165 15.02 1.14 12.47
CA SER G 165 14.12 0.53 11.48
C SER G 165 12.86 1.38 11.28
N LEU G 166 12.30 1.92 12.37
CA LEU G 166 11.08 2.70 12.26
C LEU G 166 11.33 4.00 11.52
N LEU G 167 12.49 4.63 11.73
CA LEU G 167 12.80 5.86 11.01
C LEU G 167 13.02 5.58 9.53
N ILE G 168 13.68 4.47 9.20
CA ILE G 168 13.82 4.10 7.79
C ILE G 168 12.45 3.90 7.15
N SER G 169 11.57 3.17 7.83
CA SER G 169 10.23 2.92 7.29
C SER G 169 9.44 4.22 7.13
N LEU G 170 9.52 5.10 8.13
CA LEU G 170 8.81 6.37 8.05
C LEU G 170 9.32 7.23 6.90
N GLY G 171 10.64 7.26 6.71
CA GLY G 171 11.20 8.00 5.58
C GLY G 171 10.71 7.46 4.25
N ILE G 172 10.72 6.13 4.09
CA ILE G 172 10.23 5.52 2.86
C ILE G 172 8.77 5.90 2.63
N PHE G 173 7.93 5.74 3.65
CA PHE G 173 6.50 6.00 3.52
C PHE G 173 6.23 7.46 3.19
N PHE G 174 6.93 8.39 3.85
CA PHE G 174 6.68 9.80 3.64
C PHE G 174 7.31 10.34 2.36
N TYR G 175 8.31 9.66 1.80
CA TYR G 175 8.88 10.17 0.56
C TYR G 175 8.20 9.59 -0.67
N PHE G 176 7.91 8.28 -0.66
CA PHE G 176 7.34 7.66 -1.86
C PHE G 176 5.96 8.22 -2.17
N LYS G 177 5.10 8.31 -1.16
CA LYS G 177 3.77 8.95 -1.20
C LYS G 177 2.79 8.21 -2.09
N SER G 178 3.22 7.21 -2.84
CA SER G 178 2.32 6.43 -3.68
C SER G 178 1.46 5.47 -2.88
N LEU G 179 1.84 5.17 -1.65
CA LEU G 179 1.07 4.30 -0.77
C LEU G 179 0.13 5.07 0.15
N SER G 180 -0.07 6.36 -0.11
CA SER G 180 -0.86 7.20 0.79
C SER G 180 -2.30 6.70 0.87
N CYS G 181 -2.71 6.30 2.07
CA CYS G 181 -4.06 5.82 2.34
C CYS G 181 -4.26 5.84 3.85
N GLN G 182 -5.48 5.55 4.28
CA GLN G 182 -5.79 5.54 5.70
C GLN G 182 -4.99 4.47 6.44
N ARG G 183 -4.86 3.28 5.84
CA ARG G 183 -4.03 2.23 6.41
C ARG G 183 -2.60 2.72 6.62
N ILE G 184 -1.99 3.27 5.57
CA ILE G 184 -0.62 3.75 5.68
C ILE G 184 -0.54 4.97 6.60
N THR G 185 -1.59 5.79 6.65
CA THR G 185 -1.60 6.92 7.55
C THR G 185 -1.52 6.47 9.01
N LEU G 186 -2.39 5.54 9.40
CA LEU G 186 -2.30 4.99 10.75
C LEU G 186 -1.00 4.23 10.97
N HIS G 187 -0.43 3.64 9.92
CA HIS G 187 0.88 3.00 10.05
C HIS G 187 1.96 4.02 10.43
N LYS G 188 1.99 5.15 9.72
CA LYS G 188 2.95 6.21 10.05
C LYS G 188 2.71 6.74 11.45
N ASN G 189 1.44 6.89 11.84
CA ASN G 189 1.13 7.36 13.19
C ASN G 189 1.68 6.40 14.24
N LEU G 190 1.42 5.09 14.06
CA LEU G 190 1.91 4.09 15.00
C LEU G 190 3.44 4.07 15.04
N PHE G 191 4.09 4.23 13.87
CA PHE G 191 5.54 4.21 13.82
C PHE G 191 6.13 5.41 14.56
N PHE G 192 5.54 6.60 14.36
CA PHE G 192 6.04 7.79 15.05
C PHE G 192 5.81 7.69 16.55
N SER G 193 4.67 7.15 16.96
CA SER G 193 4.42 6.95 18.39
C SER G 193 5.40 5.95 18.98
N PHE G 194 5.71 4.88 18.24
CA PHE G 194 6.75 3.95 18.66
C PHE G 194 8.07 4.67 18.86
N VAL G 195 8.45 5.51 17.89
CA VAL G 195 9.72 6.21 17.96
C VAL G 195 9.78 7.10 19.20
N CYS G 196 8.72 7.89 19.42
CA CYS G 196 8.70 8.79 20.56
C CYS G 196 8.76 8.02 21.87
N ASN G 197 7.93 6.98 22.01
CA ASN G 197 7.90 6.20 23.24
C ASN G 197 9.26 5.57 23.53
N SER G 198 9.90 4.97 22.53
CA SER G 198 11.16 4.29 22.76
C SER G 198 12.29 5.28 23.03
N VAL G 199 12.29 6.43 22.34
CA VAL G 199 13.31 7.45 22.59
C VAL G 199 13.20 7.96 24.02
N VAL G 200 11.98 8.28 24.45
CA VAL G 200 11.80 8.75 25.82
C VAL G 200 12.12 7.65 26.82
N THR G 201 11.84 6.39 26.47
CA THR G 201 12.19 5.29 27.37
C THR G 201 13.70 5.19 27.55
N ILE G 202 14.47 5.30 26.46
CA ILE G 202 15.92 5.27 26.58
C ILE G 202 16.41 6.45 27.41
N ILE G 203 15.93 7.65 27.11
CA ILE G 203 16.43 8.85 27.78
C ILE G 203 16.02 8.85 29.26
N HIS G 204 14.94 8.14 29.59
CA HIS G 204 14.52 8.05 30.99
C HIS G 204 15.28 6.95 31.72
N LEU G 205 15.64 5.87 31.03
CA LEU G 205 16.36 4.78 31.67
C LEU G 205 17.83 5.13 31.89
N THR G 206 18.42 5.88 30.98
CA THR G 206 19.84 6.21 31.11
C THR G 206 20.05 7.38 32.08
N ALA G 207 19.33 8.49 31.87
CA ALA G 207 19.52 9.66 32.72
C ALA G 207 18.96 9.41 34.12
N VAL G 208 17.68 9.07 34.20
CA VAL G 208 17.02 8.81 35.47
C VAL G 208 17.24 7.36 35.87
N ALA G 209 17.38 7.12 37.17
CA ALA G 209 17.52 5.80 37.80
C ALA G 209 18.83 5.11 37.47
N ASN G 210 19.67 5.68 36.61
CA ASN G 210 20.99 5.14 36.33
C ASN G 210 22.12 6.10 36.65
N ASN G 211 21.89 7.41 36.50
CA ASN G 211 22.82 8.45 36.96
C ASN G 211 22.01 9.29 37.95
N GLN G 212 21.98 8.85 39.22
CA GLN G 212 21.13 9.48 40.21
C GLN G 212 21.58 10.90 40.53
N ALA G 213 22.83 11.25 40.24
CA ALA G 213 23.31 12.61 40.49
C ALA G 213 22.52 13.64 39.69
N LEU G 214 21.90 13.22 38.58
CA LEU G 214 21.02 14.12 37.84
C LEU G 214 19.70 14.33 38.57
N VAL G 215 19.15 13.26 39.15
CA VAL G 215 17.88 13.34 39.86
C VAL G 215 18.15 13.48 41.35
N ALA G 216 19.40 13.78 41.72
CA ALA G 216 19.73 14.00 43.12
C ALA G 216 19.22 15.35 43.62
N THR G 217 18.92 16.28 42.72
CA THR G 217 18.43 17.60 43.11
C THR G 217 16.99 17.58 43.60
N ASN G 218 16.34 16.43 43.60
CA ASN G 218 14.93 16.29 43.98
C ASN G 218 14.04 17.29 43.25
N PRO G 219 14.12 17.34 41.91
CA PRO G 219 13.41 18.39 41.17
C PRO G 219 12.01 17.98 40.76
N VAL G 220 11.31 18.88 40.07
CA VAL G 220 10.06 18.52 39.39
C VAL G 220 10.33 18.03 37.98
N SER G 221 11.55 18.20 37.46
CA SER G 221 11.84 17.78 36.10
C SER G 221 11.76 16.27 35.95
N CYS G 222 12.23 15.52 36.96
CA CYS G 222 12.11 14.07 36.90
C CYS G 222 10.65 13.63 36.95
N LYS G 223 9.81 14.37 37.69
CA LYS G 223 8.40 14.02 37.76
C LYS G 223 7.68 14.31 36.45
N VAL G 224 7.99 15.44 35.80
CA VAL G 224 7.39 15.70 34.50
C VAL G 224 7.93 14.74 33.46
N SER G 225 9.17 14.26 33.63
CA SER G 225 9.67 13.23 32.74
C SER G 225 8.92 11.91 32.95
N GLN G 226 8.62 11.57 34.21
CA GLN G 226 7.75 10.42 34.47
C GLN G 226 6.40 10.58 33.80
N PHE G 227 5.80 11.77 33.92
CA PHE G 227 4.51 12.04 33.30
C PHE G 227 4.56 11.86 31.80
N ILE G 228 5.57 12.44 31.15
CA ILE G 228 5.68 12.38 29.70
C ILE G 228 5.97 10.97 29.23
N HIS G 229 6.80 10.23 29.97
CA HIS G 229 7.09 8.84 29.65
C HIS G 229 5.82 7.99 29.69
N LEU G 230 5.05 8.11 30.78
CA LEU G 230 3.80 7.36 30.87
C LEU G 230 2.83 7.78 29.78
N TYR G 231 2.81 9.07 29.45
CA TYR G 231 1.93 9.56 28.39
C TYR G 231 2.26 8.92 27.05
N LEU G 232 3.55 8.89 26.68
CA LEU G 232 3.90 8.34 25.38
C LEU G 232 3.80 6.82 25.36
N MET G 233 3.97 6.16 26.51
CA MET G 233 3.70 4.72 26.56
C MET G 233 2.23 4.43 26.32
N GLY G 234 1.35 5.18 27.00
CA GLY G 234 -0.07 5.07 26.72
C GLY G 234 -0.39 5.37 25.27
N CYS G 235 0.28 6.36 24.69
CA CYS G 235 0.05 6.68 23.28
C CYS G 235 0.47 5.53 22.37
N ASN G 236 1.60 4.88 22.67
CA ASN G 236 2.03 3.73 21.90
C ASN G 236 0.99 2.63 21.91
N TYR G 237 0.57 2.21 23.10
CA TYR G 237 -0.37 1.10 23.15
C TYR G 237 -1.76 1.48 22.66
N PHE G 238 -2.16 2.76 22.83
CA PHE G 238 -3.44 3.19 22.28
C PHE G 238 -3.40 3.33 20.77
N TRP G 239 -2.24 3.61 20.18
CA TRP G 239 -2.14 3.58 18.73
C TRP G 239 -2.13 2.16 18.20
N MET G 240 -1.56 1.22 18.96
CA MET G 240 -1.78 -0.19 18.64
C MET G 240 -3.27 -0.52 18.65
N LEU G 241 -3.98 -0.05 19.67
CA LEU G 241 -5.43 -0.24 19.73
C LEU G 241 -6.14 0.39 18.54
N CYS G 242 -5.69 1.57 18.12
CA CYS G 242 -6.32 2.24 16.98
C CYS G 242 -6.07 1.47 15.68
N GLU G 243 -4.86 0.95 15.51
CA GLU G 243 -4.58 0.07 14.37
C GLU G 243 -5.52 -1.13 14.37
N GLY G 244 -5.68 -1.76 15.53
CA GLY G 244 -6.61 -2.88 15.63
C GLY G 244 -8.04 -2.50 15.31
N ILE G 245 -8.47 -1.33 15.80
CA ILE G 245 -9.82 -0.85 15.55
C ILE G 245 -10.05 -0.64 14.06
N TYR G 246 -9.12 0.04 13.40
CA TYR G 246 -9.28 0.28 11.96
C TYR G 246 -9.26 -1.02 11.17
N LEU G 247 -8.39 -1.95 11.56
CA LEU G 247 -8.35 -3.25 10.88
C LEU G 247 -9.67 -4.00 11.07
N HIS G 248 -10.30 -3.88 12.24
CA HIS G 248 -11.57 -4.53 12.48
C HIS G 248 -12.69 -3.88 11.67
N THR G 249 -12.71 -2.55 11.62
CA THR G 249 -13.76 -1.87 10.86
C THR G 249 -13.59 -2.06 9.36
N LEU G 250 -12.38 -2.35 8.89
CA LEU G 250 -12.21 -2.59 7.47
C LEU G 250 -12.45 -4.05 7.08
N ILE G 251 -11.98 -5.01 7.86
CA ILE G 251 -12.10 -6.41 7.49
C ILE G 251 -13.43 -6.97 7.94
N VAL G 252 -13.72 -6.87 9.24
CA VAL G 252 -14.97 -7.43 9.77
C VAL G 252 -16.17 -6.62 9.27
N VAL G 253 -16.14 -5.31 9.48
CA VAL G 253 -17.22 -4.45 9.02
C VAL G 253 -17.03 -4.11 7.55
N ALA G 254 -18.11 -3.68 6.90
CA ALA G 254 -18.14 -3.43 5.47
C ALA G 254 -17.80 -1.98 5.12
N VAL G 255 -16.98 -1.32 5.93
CA VAL G 255 -16.64 0.08 5.69
C VAL G 255 -15.67 0.18 4.52
N PHE G 256 -15.91 1.13 3.63
CA PHE G 256 -15.04 1.35 2.48
C PHE G 256 -13.70 1.93 2.90
N ALA G 257 -12.73 1.80 2.01
CA ALA G 257 -11.43 2.44 2.22
C ALA G 257 -11.50 3.91 1.79
N GLU G 258 -10.63 4.71 2.40
CA GLU G 258 -10.58 6.16 2.17
C GLU G 258 -11.95 6.79 2.40
N LYS G 259 -12.63 6.36 3.46
CA LYS G 259 -13.96 6.85 3.78
C LYS G 259 -14.12 7.39 5.20
N GLN G 260 -13.36 6.88 6.17
CA GLN G 260 -13.50 7.30 7.55
C GLN G 260 -12.83 8.65 7.79
N HIS G 261 -13.29 9.34 8.82
CA HIS G 261 -12.82 10.70 9.08
C HIS G 261 -11.41 10.72 9.65
N LEU G 262 -11.02 9.68 10.40
CA LEU G 262 -9.71 9.48 11.01
C LEU G 262 -9.43 10.46 12.14
N MET G 263 -10.35 11.37 12.45
CA MET G 263 -10.11 12.31 13.56
C MET G 263 -10.26 11.60 14.90
N TRP G 264 -11.21 10.68 15.01
CA TRP G 264 -11.37 9.90 16.23
C TRP G 264 -10.11 9.07 16.51
N TYR G 265 -9.44 8.61 15.46
CA TYR G 265 -8.20 7.87 15.64
C TYR G 265 -7.11 8.76 16.21
N TYR G 266 -6.95 9.96 15.65
CA TYR G 266 -5.99 10.91 16.21
C TYR G 266 -6.31 11.21 17.67
N PHE G 267 -7.60 11.40 17.99
CA PHE G 267 -7.99 11.64 19.38
C PHE G 267 -7.56 10.49 20.27
N LEU G 268 -8.06 9.29 19.99
CA LEU G 268 -7.77 8.12 20.84
C LEU G 268 -6.27 7.83 20.91
N GLY G 269 -5.51 8.23 19.91
CA GLY G 269 -4.09 7.94 19.91
C GLY G 269 -3.24 8.96 20.63
N TRP G 270 -3.63 10.24 20.61
CA TRP G 270 -2.80 11.29 21.17
C TRP G 270 -3.42 11.95 22.40
N GLY G 271 -4.69 12.34 22.34
CA GLY G 271 -5.26 13.15 23.39
C GLY G 271 -5.79 12.37 24.57
N PHE G 272 -6.32 11.18 24.33
CA PHE G 272 -6.90 10.37 25.40
C PHE G 272 -5.86 9.87 26.40
N PRO G 273 -4.67 9.41 25.98
CA PRO G 273 -3.67 8.98 26.98
C PRO G 273 -3.27 10.06 27.97
N LEU G 274 -3.64 11.33 27.73
CA LEU G 274 -3.35 12.38 28.70
C LEU G 274 -4.20 12.22 29.96
N ILE G 275 -5.42 11.73 29.83
CA ILE G 275 -6.36 11.64 30.94
C ILE G 275 -5.81 10.71 32.03
N PRO G 276 -5.47 9.45 31.74
CA PRO G 276 -4.90 8.62 32.82
C PRO G 276 -3.56 9.13 33.30
N ALA G 277 -2.77 9.77 32.44
CA ALA G 277 -1.49 10.34 32.86
C ALA G 277 -1.71 11.43 33.90
N CYS G 278 -2.63 12.36 33.63
CA CYS G 278 -2.92 13.41 34.60
C CYS G 278 -3.55 12.86 35.86
N ILE G 279 -4.41 11.83 35.74
CA ILE G 279 -4.99 11.23 36.94
C ILE G 279 -3.90 10.63 37.81
N HIS G 280 -2.97 9.88 37.21
CA HIS G 280 -1.90 9.29 37.99
C HIS G 280 -0.99 10.36 38.58
N ALA G 281 -0.73 11.43 37.83
CA ALA G 281 0.11 12.50 38.35
C ALA G 281 -0.52 13.15 39.58
N ILE G 282 -1.82 13.45 39.51
CA ILE G 282 -2.51 14.05 40.64
C ILE G 282 -2.56 13.09 41.82
N ALA G 283 -2.84 11.82 41.57
CA ALA G 283 -2.90 10.84 42.64
C ALA G 283 -1.55 10.69 43.33
N ARG G 284 -0.47 10.71 42.56
CA ARG G 284 0.86 10.56 43.16
C ARG G 284 1.27 11.82 43.90
N SER G 285 0.97 13.00 43.34
CA SER G 285 1.25 14.24 44.04
C SER G 285 0.43 14.38 45.31
N LEU G 286 -0.72 13.72 45.40
CA LEU G 286 -1.55 13.82 46.60
C LEU G 286 -1.25 12.75 47.63
N TYR G 287 -0.84 11.55 47.22
CA TYR G 287 -0.66 10.49 48.21
C TYR G 287 0.74 9.89 48.21
N TYR G 288 1.34 9.65 47.06
CA TYR G 288 2.58 8.89 46.96
C TYR G 288 3.68 9.75 46.33
N ASN G 289 3.79 10.99 46.78
CA ASN G 289 4.81 11.89 46.24
C ASN G 289 6.20 11.49 46.71
N ASP G 290 6.72 10.40 46.14
CA ASP G 290 8.05 9.92 46.52
C ASP G 290 9.12 10.62 45.71
N ASN G 291 10.36 10.16 45.85
CA ASN G 291 11.48 10.76 45.15
C ASN G 291 11.39 10.49 43.66
N CYS G 292 11.04 11.51 42.88
CA CYS G 292 11.00 11.48 41.42
C CYS G 292 10.02 10.46 40.86
N TRP G 293 9.11 9.93 41.69
CA TRP G 293 8.10 8.96 41.26
C TRP G 293 8.73 7.76 40.57
N ILE G 294 9.94 7.37 40.98
CA ILE G 294 10.63 6.23 40.38
C ILE G 294 10.22 4.91 41.00
N SER G 295 9.47 4.92 42.10
CA SER G 295 9.06 3.69 42.74
C SER G 295 8.09 2.90 41.86
N SER G 296 8.11 1.58 42.03
CA SER G 296 7.22 0.70 41.30
C SER G 296 6.41 -0.21 42.21
N ASP G 297 6.62 -0.17 43.52
CA ASP G 297 5.86 -1.00 44.45
C ASP G 297 4.48 -0.45 44.72
N THR G 298 4.25 0.83 44.45
CA THR G 298 2.93 1.42 44.66
C THR G 298 1.98 0.99 43.55
N HIS G 299 0.71 0.78 43.91
CA HIS G 299 -0.29 0.35 42.95
C HIS G 299 -0.87 1.49 42.12
N LEU G 300 -0.31 2.70 42.25
CA LEU G 300 -0.76 3.82 41.42
C LEU G 300 -0.35 3.67 39.96
N LEU G 301 0.55 2.75 39.65
CA LEU G 301 0.95 2.53 38.26
C LEU G 301 -0.17 1.88 37.45
N TYR G 302 -1.10 1.18 38.10
CA TYR G 302 -2.20 0.55 37.40
C TYR G 302 -3.18 1.57 36.82
N ILE G 303 -3.08 2.84 37.21
CA ILE G 303 -3.86 3.88 36.55
C ILE G 303 -3.40 4.05 35.10
N ILE G 304 -2.15 3.73 34.82
CA ILE G 304 -1.60 3.84 33.47
C ILE G 304 -1.61 2.49 32.76
N HIS G 305 -1.14 1.43 33.43
CA HIS G 305 -1.09 0.11 32.82
C HIS G 305 -2.46 -0.57 32.77
N GLY G 306 -3.44 -0.04 33.49
CA GLY G 306 -4.79 -0.57 33.45
C GLY G 306 -5.45 -0.40 32.08
N PRO G 307 -5.60 0.84 31.63
CA PRO G 307 -6.18 1.05 30.29
C PRO G 307 -5.35 0.44 29.18
N ILE G 308 -4.05 0.24 29.39
CA ILE G 308 -3.22 -0.39 28.36
C ILE G 308 -3.62 -1.85 28.19
N CYS G 309 -3.80 -2.57 29.30
CA CYS G 309 -4.21 -3.97 29.20
C CYS G 309 -5.63 -4.09 28.66
N ALA G 310 -6.48 -3.10 28.92
CA ALA G 310 -7.82 -3.10 28.35
C ALA G 310 -7.77 -2.88 26.84
N ALA G 311 -6.94 -1.94 26.39
CA ALA G 311 -6.75 -1.75 24.95
C ALA G 311 -6.23 -3.02 24.29
N LEU G 312 -5.31 -3.71 24.96
CA LEU G 312 -4.81 -4.97 24.42
C LEU G 312 -5.87 -6.06 24.42
N LEU G 313 -6.76 -6.06 25.42
CA LEU G 313 -7.89 -6.99 25.42
C LEU G 313 -8.79 -6.75 24.22
N VAL G 314 -9.12 -5.49 23.95
CA VAL G 314 -9.97 -5.18 22.81
C VAL G 314 -9.26 -5.53 21.50
N ASN G 315 -7.94 -5.31 21.46
CA ASN G 315 -7.18 -5.66 20.27
C ASN G 315 -7.15 -7.16 20.03
N LEU G 316 -7.06 -7.94 21.12
CA LEU G 316 -7.09 -9.40 20.97
C LEU G 316 -8.47 -9.89 20.56
N PHE G 317 -9.54 -9.24 21.06
CA PHE G 317 -10.87 -9.57 20.59
C PHE G 317 -11.00 -9.31 19.09
N PHE G 318 -10.47 -8.16 18.63
CA PHE G 318 -10.47 -7.89 17.20
C PHE G 318 -9.64 -8.91 16.43
N LEU G 319 -8.52 -9.33 17.01
CA LEU G 319 -7.69 -10.36 16.38
C LEU G 319 -8.48 -11.65 16.21
N LEU G 320 -9.22 -12.05 17.24
CA LEU G 320 -10.05 -13.25 17.15
C LEU G 320 -11.09 -13.12 16.05
N ASN G 321 -11.81 -12.00 16.04
CA ASN G 321 -12.87 -11.83 15.04
C ASN G 321 -12.30 -11.81 13.62
N ILE G 322 -11.15 -11.17 13.43
CA ILE G 322 -10.60 -11.03 12.09
C ILE G 322 -9.98 -12.33 11.60
N VAL G 323 -9.35 -13.10 12.50
CA VAL G 323 -8.89 -14.43 12.12
C VAL G 323 -10.08 -15.33 11.79
N ARG G 324 -11.19 -15.16 12.52
CA ARG G 324 -12.41 -15.89 12.19
C ARG G 324 -12.88 -15.56 10.77
N VAL G 325 -12.93 -14.27 10.45
CA VAL G 325 -13.38 -13.86 9.12
C VAL G 325 -12.42 -14.38 8.05
N LEU G 326 -11.12 -14.35 8.33
CA LEU G 326 -10.14 -14.84 7.37
C LEU G 326 -10.28 -16.34 7.13
N ILE G 327 -10.52 -17.11 8.19
CA ILE G 327 -10.72 -18.55 8.03
C ILE G 327 -12.00 -18.82 7.24
N THR G 328 -13.06 -18.06 7.53
CA THR G 328 -14.30 -18.22 6.77
C THR G 328 -14.11 -17.89 5.30
N LYS G 329 -13.25 -16.91 5.01
CA LYS G 329 -13.01 -16.53 3.62
C LYS G 329 -12.09 -17.53 2.90
N LEU G 330 -11.17 -18.16 3.64
CA LEU G 330 -10.23 -19.10 3.04
C LEU G 330 -10.76 -20.52 2.99
N LYS G 331 -11.87 -20.82 3.68
CA LYS G 331 -12.36 -22.20 3.68
C LYS G 331 -12.94 -22.61 2.33
N VAL G 332 -13.23 -21.66 1.46
CA VAL G 332 -13.79 -21.98 0.14
C VAL G 332 -12.64 -22.41 -0.78
N THR G 333 -12.71 -23.66 -1.26
CA THR G 333 -11.73 -24.20 -2.17
C THR G 333 -12.27 -25.47 -2.86
N ASN G 339 -2.60 -26.30 4.93
CA ASN G 339 -3.64 -25.69 4.12
C ASN G 339 -4.23 -24.46 4.82
N LEU G 340 -5.06 -24.70 5.83
CA LEU G 340 -5.69 -23.61 6.57
C LEU G 340 -4.94 -23.26 7.84
N TYR G 341 -4.42 -24.28 8.54
CA TYR G 341 -3.73 -24.06 9.80
C TYR G 341 -2.48 -23.19 9.61
N MET G 342 -1.68 -23.50 8.59
CA MET G 342 -0.40 -22.81 8.43
C MET G 342 -0.62 -21.34 8.06
N LYS G 343 -1.46 -21.06 7.07
CA LYS G 343 -1.69 -19.67 6.69
C LYS G 343 -2.48 -18.93 7.78
N ALA G 344 -3.31 -19.64 8.54
CA ALA G 344 -4.01 -19.01 9.66
C ALA G 344 -3.02 -18.53 10.71
N VAL G 345 -2.11 -19.40 11.15
CA VAL G 345 -1.12 -18.97 12.13
C VAL G 345 -0.16 -17.98 11.51
N ARG G 346 0.03 -18.02 10.19
CA ARG G 346 0.84 -17.00 9.51
C ARG G 346 0.22 -15.62 9.68
N ALA G 347 -1.07 -15.49 9.38
CA ALA G 347 -1.75 -14.21 9.56
C ALA G 347 -1.76 -13.80 11.03
N THR G 348 -1.95 -14.77 11.94
CA THR G 348 -1.94 -14.46 13.36
C THR G 348 -0.58 -13.89 13.79
N LEU G 349 0.51 -14.52 13.35
CA LEU G 349 1.84 -14.06 13.72
C LEU G 349 2.19 -12.76 13.02
N ILE G 350 1.57 -12.47 11.87
CA ILE G 350 1.76 -11.18 11.24
C ILE G 350 1.08 -10.09 12.04
N LEU G 351 -0.13 -10.34 12.53
CA LEU G 351 -0.88 -9.33 13.23
C LEU G 351 -0.52 -9.21 14.72
N VAL G 352 0.21 -10.19 15.26
CA VAL G 352 0.58 -10.13 16.68
C VAL G 352 1.44 -8.90 17.00
N PRO G 353 2.54 -8.63 16.27
CA PRO G 353 3.34 -7.44 16.64
C PRO G 353 2.63 -6.13 16.37
N LEU G 354 1.71 -6.10 15.41
CA LEU G 354 0.99 -4.87 15.11
C LEU G 354 0.02 -4.51 16.23
N LEU G 355 -0.57 -5.52 16.87
CA LEU G 355 -1.61 -5.31 17.87
C LEU G 355 -1.08 -5.36 19.29
N GLY G 356 0.21 -5.63 19.49
CA GLY G 356 0.75 -5.79 20.82
C GLY G 356 0.14 -6.95 21.58
N ILE G 357 -0.11 -8.07 20.90
CA ILE G 357 -0.80 -9.19 21.53
C ILE G 357 0.11 -9.90 22.52
N GLU G 358 1.42 -9.91 22.26
CA GLU G 358 2.38 -10.67 23.06
C GLU G 358 2.52 -10.15 24.49
N PHE G 359 1.84 -9.06 24.85
CA PHE G 359 1.93 -8.56 26.22
C PHE G 359 0.84 -9.17 27.11
N VAL G 360 -0.38 -9.29 26.60
CA VAL G 360 -1.47 -9.84 27.40
C VAL G 360 -1.59 -11.36 27.31
N LEU G 361 -1.05 -11.98 26.27
CA LEU G 361 -1.04 -13.44 26.20
C LEU G 361 -0.14 -14.06 27.26
N ILE G 362 0.69 -13.27 27.93
CA ILE G 362 1.48 -13.73 29.07
C ILE G 362 0.99 -12.94 30.28
N PRO G 363 -0.11 -13.35 30.91
CA PRO G 363 -0.66 -12.58 32.02
C PRO G 363 -0.04 -12.96 33.36
N TRP G 364 -0.13 -12.02 34.30
CA TRP G 364 0.40 -12.23 35.64
C TRP G 364 -0.56 -11.70 36.68
N GLU G 372 12.02 -17.20 38.61
CA GLU G 372 11.15 -16.54 37.65
C GLU G 372 11.84 -15.34 37.01
N GLU G 373 12.81 -15.61 36.12
CA GLU G 373 13.52 -14.52 35.45
C GLU G 373 13.52 -14.71 33.93
N VAL G 374 13.27 -15.93 33.46
CA VAL G 374 13.22 -16.16 32.02
C VAL G 374 11.98 -15.51 31.42
N TYR G 375 10.93 -15.32 32.21
CA TYR G 375 9.72 -14.70 31.69
C TYR G 375 9.93 -13.21 31.44
N ASP G 376 10.61 -12.52 32.36
CA ASP G 376 10.96 -11.12 32.08
C ASP G 376 12.08 -11.03 31.05
N TYR G 377 12.95 -12.04 30.97
CA TYR G 377 13.85 -12.20 29.83
C TYR G 377 13.09 -12.05 28.51
N ILE G 378 12.15 -12.95 28.25
CA ILE G 378 11.36 -12.88 27.02
C ILE G 378 10.53 -11.60 26.96
N MET G 379 10.04 -11.12 28.11
CA MET G 379 9.21 -9.93 28.14
C MET G 379 9.97 -8.72 27.60
N HIS G 380 11.15 -8.46 28.16
CA HIS G 380 11.98 -7.36 27.68
C HIS G 380 12.39 -7.57 26.23
N ILE G 381 12.75 -8.81 25.86
CA ILE G 381 13.16 -9.07 24.48
C ILE G 381 12.06 -8.64 23.51
N LEU G 382 10.82 -9.10 23.74
CA LEU G 382 9.73 -8.77 22.83
C LEU G 382 9.37 -7.29 22.93
N MET G 383 9.36 -6.73 24.13
CA MET G 383 8.95 -5.34 24.29
C MET G 383 9.91 -4.39 23.58
N HIS G 384 11.19 -4.75 23.51
CA HIS G 384 12.16 -3.89 22.87
C HIS G 384 12.53 -4.33 21.46
N PHE G 385 11.97 -5.45 20.98
CA PHE G 385 12.09 -5.83 19.58
C PHE G 385 10.79 -5.69 18.79
N GLN G 386 9.71 -5.26 19.44
CA GLN G 386 8.43 -5.13 18.75
C GLN G 386 8.49 -4.06 17.66
N GLY G 387 9.16 -2.95 17.92
CA GLY G 387 9.30 -1.93 16.89
C GLY G 387 10.04 -2.45 15.67
N LEU G 388 11.18 -3.11 15.90
CA LEU G 388 11.91 -3.75 14.80
C LEU G 388 11.02 -4.73 14.04
N LEU G 389 10.23 -5.53 14.77
CA LEU G 389 9.41 -6.55 14.13
C LEU G 389 8.35 -5.92 13.24
N VAL G 390 7.62 -4.92 13.76
CA VAL G 390 6.60 -4.26 12.96
C VAL G 390 7.23 -3.58 11.75
N SER G 391 8.41 -2.98 11.94
CA SER G 391 9.05 -2.26 10.84
C SER G 391 9.48 -3.20 9.74
N THR G 392 10.00 -4.38 10.10
CA THR G 392 10.43 -5.32 9.06
C THR G 392 9.29 -6.14 8.49
N ILE G 393 8.16 -6.22 9.17
CA ILE G 393 7.02 -6.99 8.66
C ILE G 393 6.13 -6.15 7.76
N PHE G 394 5.79 -4.93 8.19
CA PHE G 394 4.80 -4.14 7.47
C PHE G 394 5.39 -3.14 6.47
N CYS G 395 6.71 -2.99 6.43
CA CYS G 395 7.30 -2.05 5.49
C CYS G 395 8.40 -2.68 4.64
N PHE G 396 9.22 -3.55 5.23
CA PHE G 396 10.35 -4.11 4.51
C PHE G 396 9.98 -5.38 3.75
N PHE G 397 9.27 -6.30 4.38
CA PHE G 397 8.82 -7.52 3.73
C PHE G 397 7.46 -7.35 3.05
N ASN G 398 6.91 -6.14 3.07
CA ASN G 398 5.65 -5.89 2.38
C ASN G 398 5.86 -5.98 0.86
N GLY G 399 4.96 -6.68 0.19
CA GLY G 399 5.13 -6.91 -1.24
C GLY G 399 5.06 -5.63 -2.06
N GLU G 400 4.14 -4.72 -1.68
CA GLU G 400 4.00 -3.47 -2.43
C GLU G 400 5.28 -2.64 -2.36
N VAL G 401 5.76 -2.38 -1.14
CA VAL G 401 6.98 -1.59 -0.98
C VAL G 401 8.16 -2.31 -1.63
N GLN G 402 8.24 -3.63 -1.46
CA GLN G 402 9.31 -4.40 -2.08
C GLN G 402 9.36 -4.16 -3.58
N ALA G 403 8.24 -4.41 -4.27
CA ALA G 403 8.21 -4.21 -5.72
C ALA G 403 8.49 -2.76 -6.10
N ILE G 404 7.98 -1.81 -5.31
CA ILE G 404 8.13 -0.41 -5.68
C ILE G 404 9.58 0.03 -5.61
N LEU G 405 10.26 -0.25 -4.48
CA LEU G 405 11.65 0.17 -4.39
C LEU G 405 12.55 -0.68 -5.29
N ARG G 406 12.18 -1.93 -5.57
CA ARG G 406 12.95 -2.72 -6.52
C ARG G 406 12.85 -2.13 -7.93
N ARG G 407 11.67 -1.62 -8.29
CA ARG G 407 11.50 -0.97 -9.58
C ARG G 407 12.19 0.39 -9.62
N ASN G 408 12.26 1.08 -8.48
CA ASN G 408 12.80 2.43 -8.45
C ASN G 408 14.32 2.48 -8.27
N TRP G 409 14.93 1.45 -7.70
CA TRP G 409 16.36 1.49 -7.44
C TRP G 409 17.20 1.34 -8.70
N ASN G 410 16.58 1.00 -9.84
CA ASN G 410 17.32 1.01 -11.10
C ASN G 410 17.73 2.42 -11.49
N GLN G 411 17.05 3.44 -10.97
CA GLN G 411 17.43 4.82 -11.18
C GLN G 411 18.53 5.23 -10.19
N TYR G 412 18.24 5.14 -8.91
CA TYR G 412 19.23 5.41 -7.85
C TYR G 412 18.74 4.87 -6.52
#